data_6MHL
#
_entry.id   6MHL
#
_cell.length_a   132.215
_cell.length_b   85.131
_cell.length_c   134.297
_cell.angle_alpha   90.00
_cell.angle_beta   110.55
_cell.angle_gamma   90.00
#
_symmetry.space_group_name_H-M   'C 1 2 1'
#
loop_
_entity.id
_entity.type
_entity.pdbx_description
1 polymer 'Hybrid NRPS/PKS'
2 water water
#
_entity_poly.entity_id   1
_entity_poly.type   'polypeptide(L)'
_entity_poly.pdbx_seq_one_letter_code
;MGSSHHHHHHSSGLVPRGSHSYFDDSVAIVGISCQFPGAKNHHEFWKQLREGKESVRFYSEEELREAGVPEDLIENPDYV
PALSTIEGKDLFDPEFFHISPKDAEFMDPQLRLLLLHSWKAVEDAGYVSKEIPKTSVYMSASNNSYRSLLPEKTTEGHES
PDGYVSWVLAQSGTIPTMVSHKLGLKGPSYFVHSNCSSSLVGLYSAYKSITSGESEYALVGGATLHAATSIGYVHQNGLN
FSSDGHVKAFDASADGMAGGEGAAVILLKKASQAVQDGDHIYAMLRGIGLNNDGADKVGFYAPSVKGQTDVIQHVLDSTN
IHPETISYIEAHGTGTTLGDPIEMSALQQVYKRYTDREQYCGIGSVKTNIGHLDTAAGLAGCIKVAMSLYHRELAPTINY
TSPNPNIKFSGSPFYVADKRKTLPERETPHRAALSSFGLGGTNAHAIFEQYENKTISGSNDGQPPYIVPLSARNKQRLTA
YASCLSGFLDEAENDVSLHDLAYTYQTGREAMEERAVFISHDRHDLNRQLQDFINGNDQNILRGEKVRSREVSAQEMEEL
AACQTRDEKLKALAALWVEGARVDWGLLYPDSAPQRISAPTYPFAEERFWPEETVK
;
_entity_poly.pdbx_strand_id   A,B
#
# COMPACT_ATOMS: atom_id res chain seq x y z
N TYR A 22 8.08 27.36 11.48
CA TYR A 22 6.85 27.63 10.63
C TYR A 22 6.64 26.49 9.65
N PHE A 23 7.71 26.16 8.90
CA PHE A 23 7.71 25.08 7.89
C PHE A 23 8.13 23.71 8.39
N ASP A 24 8.32 23.54 9.70
CA ASP A 24 8.71 22.22 10.25
C ASP A 24 7.75 21.07 9.91
N ASP A 25 6.49 21.37 9.83
CA ASP A 25 5.48 20.36 9.57
C ASP A 25 4.99 20.51 8.13
N SER A 26 5.80 21.12 7.26
CA SER A 26 5.47 21.31 5.81
C SER A 26 6.40 20.57 4.88
N VAL A 27 5.87 20.24 3.72
CA VAL A 27 6.61 19.63 2.65
C VAL A 27 6.33 20.42 1.35
N ALA A 28 7.39 20.66 0.61
CA ALA A 28 7.33 21.42 -0.61
C ALA A 28 7.09 20.48 -1.77
N ILE A 29 6.20 20.86 -2.70
CA ILE A 29 6.13 20.16 -3.98
C ILE A 29 7.10 20.84 -4.94
N VAL A 30 8.16 20.13 -5.35
CA VAL A 30 9.26 20.72 -6.14
C VAL A 30 9.33 20.24 -7.59
N GLY A 31 8.69 19.11 -7.92
CA GLY A 31 8.69 18.55 -9.24
C GLY A 31 7.35 17.92 -9.54
N ILE A 32 6.89 18.07 -10.78
CA ILE A 32 5.70 17.47 -11.29
C ILE A 32 5.91 16.90 -12.65
N SER A 33 5.37 15.71 -12.91
CA SER A 33 5.23 15.19 -14.24
C SER A 33 3.93 14.47 -14.41
N CYS A 34 3.12 14.85 -15.42
CA CYS A 34 1.84 14.21 -15.63
C CYS A 34 1.47 14.11 -17.08
N GLN A 35 0.60 13.18 -17.31
CA GLN A 35 0.05 12.84 -18.58
C GLN A 35 -1.41 12.50 -18.34
N PHE A 36 -2.29 13.44 -18.69
CA PHE A 36 -3.71 13.34 -18.36
C PHE A 36 -4.51 13.56 -19.66
N PRO A 37 -5.81 13.20 -19.68
CA PRO A 37 -6.62 13.40 -20.89
C PRO A 37 -6.49 14.86 -21.33
N GLY A 38 -6.04 15.06 -22.56
CA GLY A 38 -5.95 16.40 -23.17
C GLY A 38 -4.62 17.11 -23.01
N ALA A 39 -3.82 16.68 -22.00
CA ALA A 39 -2.62 17.42 -21.60
C ALA A 39 -1.38 16.50 -21.58
N LYS A 40 -0.38 16.88 -22.33
CA LYS A 40 0.84 16.08 -22.43
C LYS A 40 1.79 16.36 -21.27
N ASN A 41 1.57 17.44 -20.52
CA ASN A 41 2.39 17.82 -19.40
C ASN A 41 1.62 18.75 -18.49
N HIS A 42 2.18 19.10 -17.34
CA HIS A 42 1.42 19.83 -16.31
C HIS A 42 1.22 21.31 -16.66
N HIS A 43 2.11 21.83 -17.46
CA HIS A 43 1.86 23.23 -17.97
C HIS A 43 0.69 23.31 -18.93
N GLU A 44 0.59 22.38 -19.86
CA GLU A 44 -0.54 22.32 -20.77
C GLU A 44 -1.82 22.02 -19.98
N PHE A 45 -1.69 21.14 -18.98
CA PHE A 45 -2.83 20.81 -18.10
C PHE A 45 -3.36 22.06 -17.43
N TRP A 46 -2.49 22.87 -16.83
CA TRP A 46 -2.94 24.10 -16.16
C TRP A 46 -3.63 25.05 -17.16
N LYS A 47 -3.05 25.18 -18.35
CA LYS A 47 -3.66 26.02 -19.42
C LYS A 47 -5.09 25.59 -19.74
N GLN A 48 -5.25 24.30 -19.93
CA GLN A 48 -6.53 23.74 -20.21
C GLN A 48 -7.53 23.94 -19.07
N LEU A 49 -7.07 23.80 -17.83
CA LEU A 49 -7.95 24.06 -16.68
C LEU A 49 -8.35 25.56 -16.66
N ARG A 50 -7.41 26.45 -16.84
CA ARG A 50 -7.66 27.89 -16.69
C ARG A 50 -8.73 28.24 -17.73
N GLU A 51 -8.72 27.54 -18.87
CA GLU A 51 -9.59 27.89 -20.04
C GLU A 51 -10.89 27.17 -19.97
N GLY A 52 -11.10 26.31 -18.96
CA GLY A 52 -12.32 25.56 -18.86
C GLY A 52 -12.55 24.46 -19.85
N LYS A 53 -11.49 23.82 -20.32
CA LYS A 53 -11.60 22.78 -21.34
C LYS A 53 -11.95 21.43 -20.76
N GLU A 54 -12.95 20.78 -21.37
CA GLU A 54 -13.25 19.43 -21.10
C GLU A 54 -12.47 18.57 -22.10
N SER A 55 -11.77 17.55 -21.60
CA SER A 55 -10.98 16.71 -22.46
C SER A 55 -11.54 15.34 -22.64
N VAL A 56 -12.82 15.17 -22.37
CA VAL A 56 -13.50 13.94 -22.70
C VAL A 56 -13.77 13.92 -24.20
N ARG A 57 -13.52 12.79 -24.85
CA ARG A 57 -13.76 12.71 -26.27
C ARG A 57 -15.07 12.00 -26.51
N PHE A 58 -15.92 12.61 -27.34
CA PHE A 58 -17.17 12.01 -27.81
C PHE A 58 -17.07 11.60 -29.26
N TYR A 59 -17.60 10.45 -29.59
CA TYR A 59 -17.42 9.86 -30.89
C TYR A 59 -18.73 9.89 -31.68
N SER A 60 -18.67 10.34 -32.92
CA SER A 60 -19.80 10.24 -33.86
C SER A 60 -20.06 8.79 -34.19
N GLU A 61 -21.16 8.56 -34.89
CA GLU A 61 -21.49 7.22 -35.36
C GLU A 61 -20.38 6.67 -36.29
N GLU A 62 -19.92 7.51 -37.22
CA GLU A 62 -18.78 7.22 -38.12
C GLU A 62 -17.61 6.69 -37.32
N GLU A 63 -17.20 7.57 -36.40
CA GLU A 63 -16.03 7.39 -35.60
C GLU A 63 -16.12 6.10 -34.82
N LEU A 64 -17.30 5.76 -34.27
CA LEU A 64 -17.51 4.46 -33.60
C LEU A 64 -17.33 3.24 -34.51
N ARG A 65 -17.84 3.35 -35.74
CA ARG A 65 -17.74 2.26 -36.72
C ARG A 65 -16.28 1.99 -37.08
N GLU A 66 -15.54 2.99 -37.56
CA GLU A 66 -14.09 2.87 -37.51
C GLU A 66 -13.77 2.86 -36.02
N ALA A 67 -12.63 2.31 -35.62
CA ALA A 67 -12.44 1.89 -34.23
C ALA A 67 -13.31 0.71 -33.89
N GLY A 68 -14.18 0.33 -34.85
CA GLY A 68 -14.86 -0.92 -34.77
C GLY A 68 -15.63 -1.23 -33.52
N VAL A 69 -16.50 -0.33 -33.10
CA VAL A 69 -17.32 -0.70 -31.96
C VAL A 69 -18.57 -1.40 -32.54
N PRO A 70 -18.95 -2.55 -31.94
CA PRO A 70 -20.13 -3.32 -32.33
C PRO A 70 -21.36 -2.49 -32.66
N GLU A 71 -21.98 -2.78 -33.79
CA GLU A 71 -23.15 -2.06 -34.17
C GLU A 71 -24.25 -2.22 -33.15
N ASP A 72 -24.22 -3.27 -32.33
CA ASP A 72 -25.26 -3.40 -31.31
C ASP A 72 -25.06 -2.47 -30.10
N LEU A 73 -23.83 -2.08 -29.82
CA LEU A 73 -23.56 -0.98 -28.91
C LEU A 73 -23.94 0.33 -29.55
N ILE A 74 -23.62 0.51 -30.81
CA ILE A 74 -23.91 1.74 -31.48
C ILE A 74 -25.37 2.01 -31.54
N GLU A 75 -26.16 0.96 -31.66
CA GLU A 75 -27.59 1.12 -31.73
C GLU A 75 -28.30 1.16 -30.37
N ASN A 76 -27.60 0.93 -29.30
CA ASN A 76 -28.22 0.95 -27.97
C ASN A 76 -28.44 2.38 -27.52
N PRO A 77 -29.71 2.78 -27.27
CA PRO A 77 -29.92 4.20 -26.95
C PRO A 77 -29.26 4.64 -25.62
N ASP A 78 -28.87 3.68 -24.79
CA ASP A 78 -28.18 3.94 -23.51
C ASP A 78 -26.65 3.85 -23.56
N TYR A 79 -26.10 3.51 -24.72
CA TYR A 79 -24.65 3.58 -24.91
C TYR A 79 -24.18 5.03 -24.90
N VAL A 80 -23.13 5.32 -24.11
CA VAL A 80 -22.58 6.67 -24.00
C VAL A 80 -21.24 6.63 -24.71
N PRO A 81 -21.09 7.37 -25.83
CA PRO A 81 -19.95 7.23 -26.74
C PRO A 81 -18.78 8.16 -26.36
N ALA A 82 -18.26 7.94 -25.15
CA ALA A 82 -17.28 8.84 -24.55
C ALA A 82 -16.05 8.11 -24.08
N LEU A 83 -14.90 8.77 -24.15
CA LEU A 83 -13.67 8.21 -23.60
C LEU A 83 -12.72 9.34 -23.25
N SER A 84 -12.19 9.25 -22.03
CA SER A 84 -11.23 10.20 -21.56
C SER A 84 -9.96 9.44 -21.22
N THR A 85 -8.98 9.50 -22.13
CA THR A 85 -7.78 8.74 -21.96
C THR A 85 -6.58 9.52 -22.44
N ILE A 86 -5.42 8.96 -22.23
CA ILE A 86 -4.21 9.49 -22.73
C ILE A 86 -3.84 8.67 -23.96
N GLU A 87 -2.90 9.16 -24.71
CA GLU A 87 -2.45 8.38 -25.88
C GLU A 87 -1.13 7.76 -25.58
N GLY A 88 -0.82 6.70 -26.34
CA GLY A 88 0.48 6.12 -26.23
C GLY A 88 0.77 5.34 -24.92
N LYS A 89 -0.24 4.64 -24.41
CA LYS A 89 -0.07 3.76 -23.23
C LYS A 89 0.94 2.69 -23.45
N ASP A 90 1.06 2.28 -24.71
CA ASP A 90 1.97 1.27 -25.18
C ASP A 90 3.41 1.72 -25.45
N LEU A 91 3.71 3.02 -25.33
CA LEU A 91 5.04 3.54 -25.77
C LEU A 91 6.00 3.59 -24.62
N PHE A 92 7.22 3.15 -24.86
CA PHE A 92 8.23 3.12 -23.81
C PHE A 92 9.63 3.15 -24.43
N ASP A 93 10.62 3.34 -23.57
CA ASP A 93 12.04 3.40 -23.90
C ASP A 93 12.80 2.45 -22.95
N PRO A 94 12.71 1.16 -23.23
CA PRO A 94 13.37 0.20 -22.32
C PRO A 94 14.87 0.29 -22.34
N GLU A 95 15.47 0.62 -23.51
CA GLU A 95 16.94 0.73 -23.62
C GLU A 95 17.48 1.74 -22.68
N PHE A 96 16.75 2.86 -22.44
CA PHE A 96 17.20 3.86 -21.48
C PHE A 96 17.48 3.25 -20.10
N PHE A 97 16.60 2.34 -19.70
CA PHE A 97 16.70 1.65 -18.37
C PHE A 97 17.39 0.27 -18.39
N HIS A 98 17.95 -0.06 -19.55
CA HIS A 98 18.61 -1.37 -19.79
C HIS A 98 17.66 -2.51 -19.58
N ILE A 99 16.44 -2.35 -20.03
CA ILE A 99 15.43 -3.37 -19.96
C ILE A 99 15.38 -3.95 -21.32
N SER A 100 15.25 -5.28 -21.38
CA SER A 100 15.20 -5.94 -22.64
C SER A 100 13.84 -5.73 -23.29
N PRO A 101 13.76 -5.77 -24.63
CA PRO A 101 12.51 -5.72 -25.34
C PRO A 101 11.51 -6.75 -24.94
N LYS A 102 11.99 -7.96 -24.62
CA LYS A 102 11.11 -9.01 -24.16
C LYS A 102 10.48 -8.63 -22.81
N ASP A 103 11.29 -8.17 -21.88
CA ASP A 103 10.79 -7.78 -20.56
C ASP A 103 9.87 -6.58 -20.66
N ALA A 104 10.13 -5.67 -21.60
CA ALA A 104 9.31 -4.47 -21.76
C ALA A 104 7.87 -4.88 -22.09
N GLU A 105 7.71 -5.91 -22.90
CA GLU A 105 6.39 -6.43 -23.22
C GLU A 105 5.64 -7.05 -22.00
N PHE A 106 6.43 -7.61 -21.09
CA PHE A 106 5.88 -8.21 -19.85
C PHE A 106 5.43 -7.13 -18.87
N MET A 107 5.92 -5.91 -19.06
CA MET A 107 5.54 -4.78 -18.20
C MET A 107 4.23 -4.16 -18.60
N ASP A 108 3.36 -4.00 -17.63
CA ASP A 108 2.10 -3.34 -17.90
C ASP A 108 2.31 -1.81 -18.13
N PRO A 109 1.38 -1.15 -18.78
CA PRO A 109 1.61 0.28 -19.09
C PRO A 109 1.71 1.20 -17.84
N GLN A 110 1.06 0.82 -16.73
CA GLN A 110 1.16 1.59 -15.51
C GLN A 110 2.54 1.58 -14.96
N LEU A 111 3.13 0.41 -14.90
CA LEU A 111 4.55 0.28 -14.49
C LEU A 111 5.44 1.13 -15.44
N ARG A 112 5.24 0.98 -16.75
CA ARG A 112 6.08 1.71 -17.71
C ARG A 112 5.96 3.22 -17.56
N LEU A 113 4.73 3.72 -17.53
CA LEU A 113 4.52 5.17 -17.48
C LEU A 113 4.90 5.76 -16.13
N LEU A 114 4.68 5.01 -15.04
CA LEU A 114 5.09 5.59 -13.77
C LEU A 114 6.61 5.66 -13.66
N LEU A 115 7.30 4.75 -14.32
CA LEU A 115 8.75 4.85 -14.31
C LEU A 115 9.20 6.11 -15.08
N LEU A 116 8.64 6.27 -16.28
CA LEU A 116 8.95 7.42 -17.11
C LEU A 116 8.63 8.71 -16.39
N HIS A 117 7.43 8.80 -15.84
CA HIS A 117 7.07 10.00 -15.07
C HIS A 117 7.81 10.22 -13.80
N SER A 118 8.27 9.17 -13.14
CA SER A 118 9.16 9.38 -12.04
C SER A 118 10.49 10.04 -12.44
N TRP A 119 11.12 9.52 -13.50
CA TRP A 119 12.33 10.12 -14.03
C TRP A 119 12.14 11.63 -14.30
N LYS A 120 11.05 11.92 -14.98
CA LYS A 120 10.71 13.28 -15.37
C LYS A 120 10.41 14.19 -14.23
N ALA A 121 9.71 13.69 -13.21
CA ALA A 121 9.39 14.56 -12.07
C ALA A 121 10.63 15.04 -11.39
N VAL A 122 11.64 14.18 -11.24
CA VAL A 122 12.87 14.59 -10.59
C VAL A 122 13.61 15.65 -11.46
N GLU A 123 13.68 15.42 -12.76
CA GLU A 123 14.22 16.45 -13.71
C GLU A 123 13.39 17.77 -13.66
N ASP A 124 12.08 17.68 -13.54
CA ASP A 124 11.25 18.87 -13.45
C ASP A 124 11.66 19.71 -12.26
N ALA A 125 12.00 19.06 -11.16
CA ALA A 125 12.52 19.73 -9.98
C ALA A 125 13.96 20.31 -10.08
N GLY A 126 14.66 19.90 -11.09
CA GLY A 126 16.03 20.35 -11.36
C GLY A 126 17.10 19.50 -10.67
N TYR A 127 16.81 18.20 -10.44
CA TYR A 127 17.72 17.27 -9.70
C TYR A 127 18.07 16.10 -10.60
N VAL A 128 19.31 15.63 -10.40
CA VAL A 128 19.82 14.45 -10.97
C VAL A 128 19.49 13.35 -9.94
N SER A 129 18.71 12.35 -10.37
CA SER A 129 18.10 11.43 -9.38
C SER A 129 19.15 10.69 -8.54
N LYS A 130 20.28 10.33 -9.14
CA LYS A 130 21.26 9.61 -8.33
C LYS A 130 21.93 10.48 -7.32
N GLU A 131 21.77 11.80 -7.44
CA GLU A 131 22.28 12.73 -6.44
C GLU A 131 21.33 12.98 -5.29
N ILE A 132 20.14 12.36 -5.30
CA ILE A 132 19.20 12.52 -4.16
C ILE A 132 18.77 11.12 -3.62
N PRO A 133 19.73 10.37 -3.15
CA PRO A 133 19.42 9.02 -2.65
C PRO A 133 18.45 8.98 -1.46
N LYS A 134 18.38 10.01 -0.61
CA LYS A 134 17.48 9.99 0.53
C LYS A 134 16.02 10.34 0.14
N THR A 135 15.47 9.51 -0.73
CA THR A 135 14.16 9.66 -1.32
C THR A 135 13.31 8.40 -1.15
N SER A 136 12.12 8.55 -0.54
CA SER A 136 11.11 7.51 -0.48
C SER A 136 10.32 7.48 -1.74
N VAL A 137 9.68 6.36 -2.02
CA VAL A 137 8.90 6.17 -3.21
C VAL A 137 7.56 5.47 -2.86
N TYR A 138 6.46 6.12 -3.24
CA TYR A 138 5.10 5.58 -3.03
C TYR A 138 4.36 5.63 -4.35
N MET A 139 3.85 4.49 -4.76
CA MET A 139 3.13 4.37 -6.02
C MET A 139 1.81 3.69 -5.83
N SER A 140 0.82 4.06 -6.66
CA SER A 140 -0.48 3.35 -6.75
C SER A 140 -0.90 3.15 -8.19
N ALA A 141 -1.57 2.06 -8.46
CA ALA A 141 -2.07 1.74 -9.81
C ALA A 141 -3.16 0.70 -9.73
N SER A 142 -3.89 0.54 -10.84
CA SER A 142 -5.03 -0.36 -10.87
C SER A 142 -4.58 -1.81 -11.12
N ASN A 143 -5.45 -2.74 -10.78
CA ASN A 143 -5.37 -4.10 -11.27
C ASN A 143 -6.06 -4.14 -12.61
N ASN A 144 -5.27 -4.10 -13.68
CA ASN A 144 -5.79 -4.07 -15.06
C ASN A 144 -5.68 -5.40 -15.78
N SER A 145 -5.30 -6.46 -15.07
CA SER A 145 -5.25 -7.79 -15.70
C SER A 145 -4.31 -7.86 -16.92
N TYR A 146 -3.25 -7.06 -16.95
CA TYR A 146 -2.37 -7.01 -18.10
C TYR A 146 -1.67 -8.32 -18.35
N ARG A 147 -1.20 -8.98 -17.30
CA ARG A 147 -0.45 -10.22 -17.49
C ARG A 147 -1.26 -11.27 -18.26
N SER A 148 -2.56 -11.29 -18.00
CA SER A 148 -3.55 -12.16 -18.71
C SER A 148 -3.54 -12.04 -20.19
N LEU A 149 -3.00 -10.96 -20.69
CA LEU A 149 -2.94 -10.75 -22.09
C LEU A 149 -1.82 -11.52 -22.74
N LEU A 150 -0.81 -11.88 -21.99
CA LEU A 150 0.33 -12.58 -22.51
C LEU A 150 0.01 -14.00 -22.95
N PRO A 151 0.93 -14.56 -23.83
CA PRO A 151 0.61 -15.94 -24.24
C PRO A 151 0.55 -17.03 -23.16
N GLU A 152 -0.31 -18.02 -23.35
CA GLU A 152 -0.42 -19.08 -22.35
C GLU A 152 0.90 -19.79 -22.08
N LYS A 153 1.69 -20.01 -23.12
CA LYS A 153 2.96 -20.68 -22.99
C LYS A 153 3.81 -19.84 -22.04
N THR A 154 3.79 -18.53 -22.29
CA THR A 154 4.56 -17.55 -21.49
C THR A 154 4.13 -17.57 -20.05
N THR A 155 2.84 -17.48 -19.79
CA THR A 155 2.33 -17.51 -18.43
C THR A 155 2.33 -18.90 -17.82
N PRO A 161 11.44 -19.71 -17.68
CA PRO A 161 11.77 -18.47 -16.88
C PRO A 161 10.82 -17.28 -17.09
N ASP A 162 10.15 -17.26 -18.22
CA ASP A 162 9.21 -16.21 -18.56
C ASP A 162 7.99 -16.14 -17.66
N GLY A 163 7.49 -17.28 -17.20
CA GLY A 163 6.31 -17.33 -16.35
C GLY A 163 6.62 -16.58 -15.06
N TYR A 164 7.78 -16.87 -14.46
CA TYR A 164 8.16 -16.27 -13.21
C TYR A 164 8.52 -14.79 -13.37
N VAL A 165 9.33 -14.44 -14.35
CA VAL A 165 9.71 -13.05 -14.52
C VAL A 165 8.48 -12.16 -14.82
N SER A 166 7.56 -12.65 -15.63
CA SER A 166 6.40 -11.85 -15.95
C SER A 166 5.51 -11.79 -14.73
N TRP A 167 5.50 -12.84 -13.89
CA TRP A 167 4.75 -12.80 -12.64
C TRP A 167 5.33 -11.74 -11.71
N VAL A 168 6.64 -11.73 -11.57
CA VAL A 168 7.29 -10.74 -10.74
C VAL A 168 6.92 -9.33 -11.23
N LEU A 169 7.04 -9.12 -12.52
CA LEU A 169 6.79 -7.80 -13.08
C LEU A 169 5.33 -7.35 -12.98
N ALA A 170 4.41 -8.30 -12.80
CA ALA A 170 3.02 -8.05 -12.54
C ALA A 170 2.70 -7.75 -11.05
N GLN A 171 3.62 -8.00 -10.15
CA GLN A 171 3.33 -7.77 -8.74
C GLN A 171 3.44 -6.26 -8.44
N SER A 172 2.49 -5.75 -7.63
CA SER A 172 2.36 -4.29 -7.44
C SER A 172 3.63 -3.57 -6.86
N GLY A 173 4.32 -4.24 -5.94
CA GLY A 173 5.57 -3.77 -5.36
C GLY A 173 6.69 -3.56 -6.35
N THR A 174 6.59 -4.18 -7.50
CA THR A 174 7.62 -3.95 -8.53
C THR A 174 7.63 -2.49 -9.05
N ILE A 175 6.46 -1.83 -9.01
CA ILE A 175 6.39 -0.46 -9.54
C ILE A 175 7.30 0.48 -8.76
N PRO A 176 7.04 0.68 -7.46
CA PRO A 176 7.91 1.61 -6.77
C PRO A 176 9.34 1.15 -6.65
N THR A 177 9.53 -0.16 -6.49
CA THR A 177 10.93 -0.65 -6.40
C THR A 177 11.72 -0.55 -7.72
N MET A 178 11.07 -0.73 -8.86
CA MET A 178 11.71 -0.46 -10.16
C MET A 178 12.14 1.00 -10.24
N VAL A 179 11.30 1.93 -9.72
CA VAL A 179 11.65 3.32 -9.70
C VAL A 179 12.89 3.59 -8.84
N SER A 180 12.89 3.05 -7.62
CA SER A 180 14.01 3.23 -6.70
C SER A 180 15.29 2.70 -7.31
N HIS A 181 15.20 1.53 -7.90
CA HIS A 181 16.39 0.88 -8.41
C HIS A 181 16.98 1.69 -9.59
N LYS A 182 16.11 2.05 -10.50
CA LYS A 182 16.54 2.72 -11.75
C LYS A 182 16.94 4.17 -11.53
N LEU A 183 16.38 4.86 -10.54
CA LEU A 183 16.72 6.24 -10.24
C LEU A 183 17.83 6.40 -9.21
N GLY A 184 18.16 5.32 -8.48
CA GLY A 184 19.17 5.40 -7.45
C GLY A 184 18.73 5.85 -6.09
N LEU A 185 17.52 5.45 -5.70
CA LEU A 185 16.88 6.01 -4.52
C LEU A 185 16.87 4.94 -3.42
N LYS A 186 17.11 5.36 -2.20
CA LYS A 186 17.31 4.40 -1.10
C LYS A 186 16.36 4.57 0.11
N GLY A 187 15.41 5.49 0.03
CA GLY A 187 14.40 5.53 1.07
C GLY A 187 13.43 4.33 0.96
N PRO A 188 12.59 4.17 1.97
CA PRO A 188 11.54 3.20 1.79
C PRO A 188 10.81 3.34 0.48
N SER A 189 10.41 2.22 -0.09
CA SER A 189 9.82 2.14 -1.41
C SER A 189 8.75 1.04 -1.41
N TYR A 190 7.50 1.46 -1.61
CA TYR A 190 6.40 0.55 -1.68
C TYR A 190 5.14 1.09 -2.27
N PHE A 191 4.29 0.14 -2.65
CA PHE A 191 3.01 0.41 -3.30
C PHE A 191 1.93 0.58 -2.25
N VAL A 192 1.06 1.53 -2.47
CA VAL A 192 -0.12 1.76 -1.57
C VAL A 192 -1.40 1.82 -2.37
N HIS A 193 -2.50 1.36 -1.78
CA HIS A 193 -3.79 1.40 -2.50
C HIS A 193 -4.94 1.42 -1.56
N SER A 194 -5.92 2.29 -1.88
CA SER A 194 -7.15 2.46 -1.12
C SER A 194 -8.28 2.85 -2.14
N ASN A 195 -8.21 2.24 -3.30
CA ASN A 195 -9.10 2.55 -4.38
C ASN A 195 -8.99 4.03 -4.79
N CYS A 196 -10.09 4.77 -4.95
CA CYS A 196 -10.02 6.13 -5.49
C CYS A 196 -9.23 7.13 -4.68
N SER A 197 -8.92 6.79 -3.45
CA SER A 197 -8.19 7.72 -2.62
C SER A 197 -6.70 7.39 -2.59
N SER A 198 -6.29 6.45 -3.42
CA SER A 198 -4.95 5.91 -3.32
C SER A 198 -3.83 6.95 -3.35
N SER A 199 -3.92 7.90 -4.29
CA SER A 199 -2.90 8.91 -4.47
C SER A 199 -2.69 9.69 -3.18
N LEU A 200 -3.79 9.96 -2.47
CA LEU A 200 -3.71 10.67 -1.22
C LEU A 200 -3.08 9.86 -0.06
N VAL A 201 -3.27 8.55 -0.10
CA VAL A 201 -2.47 7.67 0.76
C VAL A 201 -0.97 7.76 0.44
N GLY A 202 -0.66 7.84 -0.86
CA GLY A 202 0.70 8.08 -1.31
C GLY A 202 1.22 9.38 -0.77
N LEU A 203 0.41 10.46 -0.93
CA LEU A 203 0.82 11.77 -0.44
C LEU A 203 1.00 11.79 1.07
N TYR A 204 0.08 11.16 1.79
CA TYR A 204 0.20 10.98 3.24
C TYR A 204 1.50 10.26 3.64
N SER A 205 1.85 9.23 2.91
CA SER A 205 3.06 8.45 3.21
C SER A 205 4.33 9.30 3.02
N ALA A 206 4.31 10.11 1.94
CA ALA A 206 5.37 11.06 1.71
C ALA A 206 5.49 12.07 2.78
N TYR A 207 4.35 12.65 3.19
CA TYR A 207 4.32 13.62 4.24
C TYR A 207 4.94 13.11 5.55
N LYS A 208 4.53 11.92 5.95
CA LYS A 208 5.02 11.31 7.16
C LYS A 208 6.54 10.99 7.09
N SER A 209 6.98 10.42 5.97
CA SER A 209 8.38 10.05 5.78
C SER A 209 9.29 11.27 5.80
N ILE A 210 8.86 12.35 5.12
CA ILE A 210 9.69 13.56 5.11
C ILE A 210 9.63 14.29 6.44
N THR A 211 8.44 14.52 7.00
CA THR A 211 8.37 15.32 8.24
C THR A 211 9.06 14.62 9.42
N SER A 212 9.11 13.30 9.38
CA SER A 212 9.81 12.55 10.43
C SER A 212 11.31 12.52 10.23
N GLY A 213 11.86 13.03 9.13
CA GLY A 213 13.30 12.90 8.88
C GLY A 213 13.73 11.57 8.31
N GLU A 214 12.79 10.65 8.01
CA GLU A 214 13.16 9.37 7.43
C GLU A 214 13.83 9.56 6.05
N SER A 215 13.28 10.47 5.24
CA SER A 215 13.84 10.82 3.95
C SER A 215 13.75 12.35 3.78
N GLU A 216 14.55 12.86 2.88
CA GLU A 216 14.55 14.28 2.54
C GLU A 216 13.52 14.58 1.43
N TYR A 217 13.32 13.63 0.53
CA TYR A 217 12.44 13.71 -0.58
C TYR A 217 11.47 12.52 -0.60
N ALA A 218 10.46 12.60 -1.47
CA ALA A 218 9.65 11.45 -1.81
C ALA A 218 9.03 11.66 -3.13
N LEU A 219 8.93 10.55 -3.88
CA LEU A 219 8.12 10.46 -5.07
C LEU A 219 6.78 9.84 -4.76
N VAL A 220 5.72 10.47 -5.28
CA VAL A 220 4.34 9.95 -5.16
C VAL A 220 3.75 9.84 -6.53
N GLY A 221 3.34 8.62 -6.90
CA GLY A 221 2.80 8.37 -8.22
C GLY A 221 1.47 7.66 -8.17
N GLY A 222 0.66 7.89 -9.20
CA GLY A 222 -0.55 7.17 -9.45
C GLY A 222 -0.82 7.05 -10.89
N ALA A 223 -1.34 5.91 -11.28
CA ALA A 223 -1.82 5.67 -12.62
C ALA A 223 -2.87 4.59 -12.74
N THR A 224 -4.02 4.94 -13.30
CA THR A 224 -4.99 3.91 -13.70
C THR A 224 -5.08 3.92 -15.25
N LEU A 225 -4.46 2.91 -15.86
CA LEU A 225 -4.46 2.71 -17.28
C LEU A 225 -4.98 1.31 -17.56
N HIS A 226 -6.12 1.22 -18.22
CA HIS A 226 -6.72 -0.08 -18.49
C HIS A 226 -5.94 -0.77 -19.58
N ALA A 227 -6.01 -2.09 -19.59
CA ALA A 227 -5.22 -2.86 -20.54
C ALA A 227 -6.07 -3.11 -21.81
N ALA A 228 -7.05 -2.28 -22.08
CA ALA A 228 -7.85 -2.36 -23.27
C ALA A 228 -8.16 -0.90 -23.64
N THR A 229 -8.54 -0.66 -24.90
CA THR A 229 -9.23 0.60 -25.26
C THR A 229 -10.70 0.24 -25.42
N SER A 230 -11.53 0.68 -24.49
CA SER A 230 -12.95 0.39 -24.54
C SER A 230 -13.76 1.69 -24.61
N ILE A 231 -14.17 2.06 -25.81
CA ILE A 231 -14.87 3.30 -25.98
C ILE A 231 -16.26 3.17 -25.32
N GLY A 232 -16.57 4.13 -24.46
CA GLY A 232 -17.92 4.28 -23.97
C GLY A 232 -18.34 3.21 -23.02
N TYR A 233 -19.59 3.33 -22.61
CA TYR A 233 -20.21 2.43 -21.65
C TYR A 233 -21.71 2.51 -21.81
N VAL A 234 -22.41 1.56 -21.20
CA VAL A 234 -23.87 1.58 -21.23
C VAL A 234 -24.40 2.03 -19.91
N HIS A 235 -25.10 3.15 -19.94
CA HIS A 235 -25.68 3.73 -18.77
C HIS A 235 -26.84 2.84 -18.30
N GLN A 236 -26.87 2.51 -17.02
CA GLN A 236 -27.89 1.57 -16.48
C GLN A 236 -28.10 1.65 -15.00
N ASN A 237 -29.26 1.17 -14.54
CA ASN A 237 -29.57 1.16 -13.13
C ASN A 237 -28.62 0.24 -12.35
N GLY A 238 -28.33 0.62 -11.12
CA GLY A 238 -27.31 -0.11 -10.36
C GLY A 238 -25.87 0.11 -10.79
N LEU A 239 -25.61 1.07 -11.68
CA LEU A 239 -24.29 1.71 -11.74
C LEU A 239 -24.50 3.20 -11.54
N ASN A 240 -23.61 3.86 -10.80
CA ASN A 240 -23.66 5.28 -10.63
C ASN A 240 -22.70 5.95 -11.66
N PHE A 241 -23.11 5.92 -12.90
CA PHE A 241 -22.34 6.47 -14.01
C PHE A 241 -23.27 7.45 -14.71
N SER A 242 -22.67 8.57 -15.11
CA SER A 242 -23.35 9.66 -15.83
C SER A 242 -24.21 9.18 -17.01
N SER A 243 -25.38 9.78 -17.14
CA SER A 243 -26.27 9.51 -18.28
C SER A 243 -25.70 10.01 -19.62
N ASP A 244 -24.79 10.96 -19.63
CA ASP A 244 -24.31 11.48 -20.88
C ASP A 244 -22.79 11.59 -20.97
N GLY A 245 -22.05 11.00 -20.00
CA GLY A 245 -20.58 11.01 -20.11
C GLY A 245 -19.88 12.22 -19.54
N HIS A 246 -20.65 13.23 -19.13
CA HIS A 246 -20.14 14.38 -18.49
C HIS A 246 -20.21 14.20 -17.00
N VAL A 247 -19.18 14.67 -16.34
CA VAL A 247 -19.23 14.79 -14.90
C VAL A 247 -19.76 16.19 -14.67
N LYS A 248 -20.85 16.27 -13.92
CA LYS A 248 -21.56 17.51 -13.66
C LYS A 248 -21.54 17.73 -12.15
N ALA A 249 -20.39 18.08 -11.64
CA ALA A 249 -20.17 18.13 -10.17
C ALA A 249 -20.89 19.37 -9.61
N PHE A 250 -21.66 19.10 -8.55
CA PHE A 250 -22.42 20.08 -7.84
C PHE A 250 -23.62 20.64 -8.61
N ASP A 251 -23.84 20.18 -9.83
CA ASP A 251 -24.92 20.71 -10.69
C ASP A 251 -26.25 19.98 -10.41
N ALA A 252 -27.39 20.67 -10.61
CA ALA A 252 -28.72 20.04 -10.58
C ALA A 252 -28.82 18.85 -11.49
N SER A 253 -28.11 18.83 -12.59
CA SER A 253 -28.22 17.69 -13.54
C SER A 253 -27.27 16.50 -13.23
N ALA A 254 -26.54 16.54 -12.10
CA ALA A 254 -25.54 15.47 -11.77
C ALA A 254 -26.16 14.11 -11.58
N ASP A 255 -25.90 13.19 -12.47
CA ASP A 255 -26.43 11.85 -12.29
C ASP A 255 -25.48 10.71 -12.41
N GLY A 256 -24.24 10.90 -12.02
CA GLY A 256 -23.27 9.83 -11.95
C GLY A 256 -21.88 10.25 -12.42
N MET A 257 -20.91 9.42 -12.10
CA MET A 257 -19.51 9.69 -12.43
C MET A 257 -19.15 9.18 -13.83
N ALA A 258 -17.91 9.46 -14.28
CA ALA A 258 -17.35 8.91 -15.48
C ALA A 258 -15.86 8.83 -15.30
N GLY A 259 -15.27 7.74 -15.78
CA GLY A 259 -13.88 7.46 -15.62
C GLY A 259 -12.98 8.15 -16.61
N GLY A 260 -11.70 8.24 -16.23
CA GLY A 260 -10.65 8.69 -17.11
C GLY A 260 -9.39 7.98 -16.72
N GLU A 261 -8.42 8.03 -17.61
CA GLU A 261 -7.15 7.38 -17.41
C GLU A 261 -6.05 8.38 -17.55
N GLY A 262 -5.01 8.18 -16.76
CA GLY A 262 -3.84 9.07 -16.78
C GLY A 262 -2.76 8.58 -15.85
N ALA A 263 -1.62 9.27 -15.86
CA ALA A 263 -0.50 9.01 -14.99
C ALA A 263 0.15 10.28 -14.49
N ALA A 264 0.58 10.28 -13.25
CA ALA A 264 1.30 11.40 -12.68
C ALA A 264 2.22 10.97 -11.57
N VAL A 265 3.36 11.69 -11.43
CA VAL A 265 4.24 11.56 -10.31
C VAL A 265 4.68 12.96 -9.90
N ILE A 266 4.73 13.20 -8.60
CA ILE A 266 5.35 14.38 -8.08
C ILE A 266 6.47 14.11 -7.12
N LEU A 267 7.40 15.06 -7.02
CA LEU A 267 8.49 15.00 -6.08
C LEU A 267 8.24 16.03 -5.01
N LEU A 268 8.27 15.58 -3.76
CA LEU A 268 8.21 16.40 -2.60
C LEU A 268 9.51 16.39 -1.83
N LYS A 269 9.71 17.40 -1.02
CA LYS A 269 10.93 17.68 -0.30
C LYS A 269 10.67 18.39 1.00
N LYS A 270 11.50 18.08 2.01
CA LYS A 270 11.47 18.79 3.23
C LYS A 270 11.41 20.28 2.94
N ALA A 271 10.45 20.94 3.53
CA ALA A 271 10.17 22.33 3.15
C ALA A 271 11.32 23.28 3.45
N SER A 272 11.89 23.23 4.64
CA SER A 272 12.99 24.16 5.00
C SER A 272 14.20 23.97 4.07
N GLN A 273 14.46 22.73 3.64
CA GLN A 273 15.60 22.41 2.82
C GLN A 273 15.31 22.87 1.37
N ALA A 274 14.08 22.69 0.89
CA ALA A 274 13.70 23.26 -0.41
C ALA A 274 13.94 24.80 -0.46
N VAL A 275 13.53 25.50 0.58
CA VAL A 275 13.70 26.93 0.64
C VAL A 275 15.20 27.28 0.69
N GLN A 276 15.95 26.63 1.58
CA GLN A 276 17.40 26.84 1.71
C GLN A 276 18.12 26.55 0.40
N ASP A 277 17.71 25.50 -0.34
CA ASP A 277 18.36 25.18 -1.60
C ASP A 277 17.97 26.05 -2.78
N GLY A 278 16.97 26.91 -2.59
CA GLY A 278 16.46 27.70 -3.68
C GLY A 278 15.67 26.98 -4.74
N ASP A 279 14.94 25.92 -4.36
CA ASP A 279 14.21 25.14 -5.32
C ASP A 279 13.03 25.90 -5.90
N HIS A 280 12.54 25.42 -7.00
CA HIS A 280 11.34 25.91 -7.64
C HIS A 280 10.18 25.15 -6.98
N ILE A 281 9.47 25.84 -6.11
CA ILE A 281 8.41 25.26 -5.26
C ILE A 281 7.03 25.62 -5.84
N TYR A 282 6.26 24.64 -6.29
CA TYR A 282 4.89 24.91 -6.72
C TYR A 282 3.93 25.35 -5.58
N ALA A 283 4.01 24.65 -4.42
CA ALA A 283 3.15 24.87 -3.28
C ALA A 283 3.73 24.03 -2.12
N MET A 284 3.26 24.33 -0.92
CA MET A 284 3.51 23.57 0.25
C MET A 284 2.32 22.70 0.65
N LEU A 285 2.61 21.51 1.17
CA LEU A 285 1.61 20.67 1.79
C LEU A 285 1.78 20.87 3.28
N ARG A 286 0.76 21.33 3.95
CA ARG A 286 0.88 21.70 5.40
C ARG A 286 0.31 20.58 6.30
N GLY A 287 -0.52 19.71 5.77
CA GLY A 287 -1.02 18.55 6.63
C GLY A 287 -2.02 17.73 5.85
N ILE A 288 -2.28 16.53 6.36
CA ILE A 288 -3.05 15.51 5.69
C ILE A 288 -3.41 14.43 6.70
N GLY A 289 -4.51 13.76 6.46
CA GLY A 289 -5.02 12.75 7.34
C GLY A 289 -5.90 11.77 6.62
N LEU A 290 -6.05 10.60 7.25
CA LEU A 290 -6.81 9.47 6.68
C LEU A 290 -7.70 8.88 7.71
N ASN A 291 -8.78 8.27 7.29
CA ASN A 291 -9.60 7.43 8.12
C ASN A 291 -10.36 6.42 7.27
N ASN A 292 -11.23 5.61 7.88
CA ASN A 292 -12.13 4.75 7.16
C ASN A 292 -13.51 4.90 7.76
N ASP A 293 -14.51 4.86 6.89
CA ASP A 293 -15.91 4.96 7.34
C ASP A 293 -16.35 3.88 8.26
N GLY A 294 -15.67 2.69 8.26
CA GLY A 294 -16.11 1.57 9.07
C GLY A 294 -17.49 1.08 8.61
N ALA A 295 -18.28 0.68 9.58
CA ALA A 295 -19.60 0.03 9.36
C ALA A 295 -20.76 1.00 9.34
N ASP A 296 -20.49 2.24 9.70
CA ASP A 296 -21.54 3.18 10.02
C ASP A 296 -22.09 3.86 8.76
N LYS A 297 -22.70 3.07 7.91
CA LYS A 297 -23.27 3.54 6.65
C LYS A 297 -24.06 2.38 6.04
N VAL A 298 -24.84 2.64 5.00
CA VAL A 298 -25.68 1.61 4.41
C VAL A 298 -24.99 1.12 3.20
N GLY A 299 -24.15 0.11 3.39
CA GLY A 299 -23.42 -0.52 2.34
C GLY A 299 -21.98 -0.19 2.05
N PHE A 300 -21.32 -1.17 1.46
CA PHE A 300 -19.91 -1.08 1.15
C PHE A 300 -19.57 0.01 0.14
N TYR A 301 -20.47 0.21 -0.83
CA TYR A 301 -20.21 1.08 -1.94
C TYR A 301 -20.75 2.47 -1.70
N ALA A 302 -21.37 2.71 -0.56
CA ALA A 302 -21.96 4.01 -0.29
C ALA A 302 -20.95 5.04 0.24
N PRO A 303 -21.25 6.32 0.02
CA PRO A 303 -20.53 7.41 0.69
C PRO A 303 -20.95 7.56 2.18
N SER A 304 -20.23 8.35 2.94
CA SER A 304 -20.51 8.53 4.35
C SER A 304 -20.25 9.95 4.81
N VAL A 305 -21.29 10.65 5.22
CA VAL A 305 -21.09 12.02 5.67
C VAL A 305 -20.27 12.04 6.97
N LYS A 306 -20.41 11.02 7.83
CA LYS A 306 -19.70 11.00 9.08
C LYS A 306 -18.20 10.78 8.92
N GLY A 307 -17.85 9.85 8.06
CA GLY A 307 -16.44 9.62 7.77
C GLY A 307 -15.73 10.83 7.20
N GLN A 308 -16.42 11.53 6.27
CA GLN A 308 -15.85 12.72 5.67
C GLN A 308 -15.68 13.79 6.70
N THR A 309 -16.75 14.02 7.47
CA THR A 309 -16.71 15.02 8.51
C THR A 309 -15.55 14.82 9.41
N ASP A 310 -15.36 13.57 9.84
CA ASP A 310 -14.29 13.27 10.80
C ASP A 310 -12.87 13.43 10.26
N VAL A 311 -12.65 13.12 8.99
CA VAL A 311 -11.31 13.27 8.46
C VAL A 311 -10.96 14.74 8.27
N ILE A 312 -11.97 15.56 7.83
CA ILE A 312 -11.75 16.98 7.66
C ILE A 312 -11.41 17.58 9.03
N GLN A 313 -12.18 17.20 10.04
CA GLN A 313 -11.95 17.73 11.39
C GLN A 313 -10.54 17.32 11.88
N HIS A 314 -10.16 16.09 11.64
CA HIS A 314 -8.82 15.55 12.05
C HIS A 314 -7.70 16.44 11.47
N VAL A 315 -7.84 16.81 10.19
CA VAL A 315 -6.82 17.62 9.49
C VAL A 315 -6.77 19.09 9.93
N LEU A 316 -7.94 19.66 10.23
CA LEU A 316 -7.96 20.96 10.90
C LEU A 316 -7.26 20.92 12.26
N ASP A 317 -7.49 19.88 13.06
CA ASP A 317 -6.89 19.83 14.39
C ASP A 317 -5.39 19.57 14.28
N SER A 318 -4.92 18.77 13.31
CA SER A 318 -3.48 18.52 13.26
C SER A 318 -2.70 19.72 12.70
N THR A 319 -3.33 20.49 11.81
CA THR A 319 -2.63 21.66 11.23
C THR A 319 -2.79 22.94 12.07
N ASN A 320 -3.87 23.01 12.87
CA ASN A 320 -4.34 24.23 13.50
C ASN A 320 -4.58 25.38 12.54
N ILE A 321 -4.97 25.08 11.32
CA ILE A 321 -5.27 26.12 10.33
C ILE A 321 -6.78 26.45 10.42
N HIS A 322 -7.09 27.74 10.56
CA HIS A 322 -8.50 28.16 10.68
C HIS A 322 -9.17 28.11 9.29
N PRO A 323 -10.33 27.50 9.17
CA PRO A 323 -11.10 27.44 7.96
C PRO A 323 -11.38 28.78 7.22
N GLU A 324 -11.36 29.94 7.88
CA GLU A 324 -11.49 31.22 7.15
C GLU A 324 -10.33 31.51 6.29
N THR A 325 -9.19 30.82 6.48
CA THR A 325 -7.98 31.08 5.69
C THR A 325 -7.90 30.24 4.44
N ILE A 326 -8.87 29.34 4.27
CA ILE A 326 -8.95 28.45 3.11
C ILE A 326 -9.78 29.14 2.03
N SER A 327 -9.19 29.30 0.84
CA SER A 327 -9.77 30.07 -0.25
C SER A 327 -10.42 29.20 -1.27
N TYR A 328 -10.07 27.91 -1.29
CA TYR A 328 -10.50 26.99 -2.33
C TYR A 328 -10.40 25.57 -1.81
N ILE A 329 -11.38 24.76 -2.20
CA ILE A 329 -11.39 23.31 -1.96
C ILE A 329 -11.55 22.59 -3.26
N GLU A 330 -10.58 21.74 -3.55
CA GLU A 330 -10.71 20.77 -4.60
C GLU A 330 -11.41 19.57 -4.00
N ALA A 331 -12.69 19.48 -4.31
CA ALA A 331 -13.57 18.39 -3.84
C ALA A 331 -13.23 17.05 -4.47
N HIS A 332 -13.63 15.97 -3.82
CA HIS A 332 -13.63 14.63 -4.41
C HIS A 332 -14.53 14.74 -5.67
N GLY A 333 -15.69 15.36 -5.51
CA GLY A 333 -16.37 15.95 -6.65
C GLY A 333 -16.70 15.04 -7.80
N THR A 334 -17.39 13.96 -7.52
CA THR A 334 -17.62 12.94 -8.52
C THR A 334 -18.87 13.16 -9.38
N GLY A 335 -19.78 14.04 -8.97
CA GLY A 335 -21.00 14.29 -9.76
C GLY A 335 -22.09 13.25 -9.60
N THR A 336 -22.05 12.48 -8.51
CA THR A 336 -23.16 11.53 -8.23
C THR A 336 -24.28 12.24 -7.50
N THR A 337 -25.49 11.72 -7.68
CA THR A 337 -26.68 12.34 -7.09
C THR A 337 -26.60 12.33 -5.56
N LEU A 338 -26.14 11.26 -4.96
CA LEU A 338 -26.02 11.23 -3.47
C LEU A 338 -24.70 11.76 -2.95
N GLY A 339 -23.62 11.57 -3.71
CA GLY A 339 -22.27 11.93 -3.21
C GLY A 339 -22.06 13.44 -3.10
N ASP A 340 -22.50 14.22 -4.11
CA ASP A 340 -22.19 15.65 -4.07
C ASP A 340 -22.82 16.34 -2.87
N PRO A 341 -24.12 16.06 -2.59
CA PRO A 341 -24.65 16.69 -1.39
C PRO A 341 -24.03 16.24 -0.08
N ILE A 342 -23.64 14.96 -0.01
CA ILE A 342 -22.96 14.45 1.18
C ILE A 342 -21.64 15.21 1.39
N GLU A 343 -20.87 15.36 0.32
CA GLU A 343 -19.61 16.12 0.40
C GLU A 343 -19.80 17.53 0.93
N MET A 344 -20.76 18.26 0.38
CA MET A 344 -20.94 19.63 0.88
C MET A 344 -21.48 19.63 2.32
N SER A 345 -22.35 18.69 2.67
CA SER A 345 -22.91 18.62 4.04
C SER A 345 -21.80 18.41 5.10
N ALA A 346 -20.84 17.56 4.76
CA ALA A 346 -19.71 17.36 5.66
C ALA A 346 -18.85 18.61 5.83
N LEU A 347 -18.52 19.28 4.72
CA LEU A 347 -17.71 20.50 4.78
C LEU A 347 -18.46 21.58 5.53
N GLN A 348 -19.76 21.67 5.27
CA GLN A 348 -20.55 22.73 5.95
C GLN A 348 -20.62 22.50 7.43
N GLN A 349 -20.85 21.25 7.84
CA GLN A 349 -20.97 20.88 9.25
C GLN A 349 -19.68 21.15 9.98
N VAL A 350 -18.54 20.82 9.37
CA VAL A 350 -17.29 21.11 10.07
C VAL A 350 -17.04 22.60 10.11
N TYR A 351 -17.15 23.28 8.97
CA TYR A 351 -16.72 24.69 8.94
C TYR A 351 -17.66 25.56 9.82
N LYS A 352 -18.91 25.14 9.99
CA LYS A 352 -19.86 25.87 10.88
C LYS A 352 -19.36 26.03 12.30
N ARG A 353 -18.60 25.05 12.77
CA ARG A 353 -18.02 25.10 14.11
C ARG A 353 -16.91 26.14 14.23
N TYR A 354 -16.48 26.70 13.10
CA TYR A 354 -15.41 27.68 13.16
C TYR A 354 -15.83 29.10 12.70
N THR A 355 -16.78 29.19 11.80
CA THR A 355 -17.08 30.46 11.18
C THR A 355 -18.51 30.58 10.64
N ASP A 356 -19.01 31.81 10.68
CA ASP A 356 -20.30 32.21 10.05
C ASP A 356 -20.07 33.00 8.80
N ARG A 357 -18.81 33.17 8.41
CA ARG A 357 -18.51 33.95 7.22
C ARG A 357 -19.06 33.23 6.01
N GLU A 358 -19.46 34.00 5.00
CA GLU A 358 -20.17 33.48 3.86
C GLU A 358 -19.47 33.72 2.57
N GLN A 359 -19.61 32.78 1.65
CA GLN A 359 -19.10 32.92 0.30
C GLN A 359 -17.65 33.31 0.13
N TYR A 360 -16.73 32.76 0.91
CA TYR A 360 -15.35 33.19 0.79
C TYR A 360 -14.45 32.07 0.25
N CYS A 361 -15.02 30.88 0.13
CA CYS A 361 -14.26 29.66 -0.29
C CYS A 361 -14.91 28.98 -1.45
N GLY A 362 -14.15 28.85 -2.52
CA GLY A 362 -14.61 28.19 -3.68
C GLY A 362 -14.51 26.70 -3.57
N ILE A 363 -15.33 26.04 -4.36
CA ILE A 363 -15.44 24.60 -4.50
C ILE A 363 -15.43 24.20 -5.92
N GLY A 364 -14.63 23.18 -6.28
CA GLY A 364 -14.62 22.68 -7.64
C GLY A 364 -14.05 21.27 -7.75
N SER A 365 -14.06 20.74 -8.96
CA SER A 365 -13.58 19.38 -9.19
C SER A 365 -13.00 19.24 -10.61
N VAL A 366 -11.74 18.83 -10.66
CA VAL A 366 -11.07 18.47 -11.87
C VAL A 366 -11.66 17.27 -12.58
N LYS A 367 -12.50 16.49 -11.90
CA LYS A 367 -13.15 15.37 -12.57
C LYS A 367 -14.12 15.91 -13.65
N THR A 368 -14.53 17.16 -13.49
CA THR A 368 -15.37 17.78 -14.51
C THR A 368 -14.61 17.94 -15.85
N ASN A 369 -13.31 18.21 -15.78
CA ASN A 369 -12.46 18.30 -16.96
C ASN A 369 -12.10 16.98 -17.60
N ILE A 370 -11.69 16.00 -16.76
CA ILE A 370 -10.97 14.82 -17.33
C ILE A 370 -11.54 13.49 -16.85
N GLY A 371 -12.62 13.54 -16.07
CA GLY A 371 -13.18 12.33 -15.51
C GLY A 371 -12.48 11.93 -14.21
N HIS A 372 -12.94 10.81 -13.67
CA HIS A 372 -12.47 10.22 -12.40
C HIS A 372 -11.28 9.29 -12.73
N LEU A 373 -10.08 9.74 -12.39
CA LEU A 373 -8.84 9.04 -12.76
C LEU A 373 -8.43 7.91 -11.80
N ASP A 374 -9.34 7.54 -10.92
CA ASP A 374 -9.18 6.35 -10.05
C ASP A 374 -7.92 6.52 -9.20
N THR A 375 -6.88 5.68 -9.39
CA THR A 375 -5.69 5.81 -8.48
C THR A 375 -4.95 7.14 -8.63
N ALA A 376 -5.13 7.78 -9.83
CA ALA A 376 -4.51 9.05 -10.12
C ALA A 376 -5.46 10.25 -9.88
N ALA A 377 -6.70 9.99 -9.42
CA ALA A 377 -7.63 11.06 -9.14
C ALA A 377 -7.13 12.05 -8.11
N GLY A 378 -6.52 11.57 -7.05
CA GLY A 378 -6.01 12.44 -6.02
C GLY A 378 -4.87 13.31 -6.49
N LEU A 379 -4.01 12.75 -7.32
CA LEU A 379 -2.90 13.53 -7.81
C LEU A 379 -3.34 14.53 -8.82
N ALA A 380 -4.32 14.19 -9.64
CA ALA A 380 -4.87 15.20 -10.58
C ALA A 380 -5.42 16.40 -9.81
N GLY A 381 -6.10 16.12 -8.70
CA GLY A 381 -6.55 17.17 -7.81
C GLY A 381 -5.42 17.96 -7.19
N CYS A 382 -4.43 17.26 -6.67
CA CYS A 382 -3.28 17.89 -6.09
C CYS A 382 -2.61 18.82 -7.06
N ILE A 383 -2.40 18.36 -8.28
CA ILE A 383 -1.69 19.13 -9.29
C ILE A 383 -2.51 20.38 -9.62
N LYS A 384 -3.82 20.22 -9.76
CA LYS A 384 -4.69 21.44 -9.97
C LYS A 384 -4.51 22.45 -8.83
N VAL A 385 -4.55 21.94 -7.57
CA VAL A 385 -4.38 22.83 -6.43
C VAL A 385 -3.02 23.50 -6.41
N ALA A 386 -1.97 22.71 -6.69
CA ALA A 386 -0.65 23.22 -6.63
C ALA A 386 -0.46 24.33 -7.69
N MET A 387 -0.92 24.06 -8.90
CA MET A 387 -0.71 25.02 -9.99
C MET A 387 -1.60 26.31 -9.77
N SER A 388 -2.78 26.13 -9.14
CA SER A 388 -3.66 27.26 -8.76
C SER A 388 -2.93 28.17 -7.79
N LEU A 389 -2.37 27.58 -6.76
CA LEU A 389 -1.65 28.34 -5.78
C LEU A 389 -0.41 29.01 -6.41
N TYR A 390 0.32 28.27 -7.24
CA TYR A 390 1.57 28.75 -7.84
C TYR A 390 1.25 29.98 -8.75
N HIS A 391 0.20 29.90 -9.51
CA HIS A 391 -0.18 30.98 -10.44
C HIS A 391 -1.11 32.02 -9.79
N ARG A 392 -1.44 31.83 -8.53
CA ARG A 392 -2.31 32.72 -7.73
C ARG A 392 -3.65 32.93 -8.40
N GLU A 393 -4.28 31.85 -8.86
CA GLU A 393 -5.51 31.95 -9.58
C GLU A 393 -6.29 30.63 -9.44
N LEU A 394 -7.61 30.70 -9.35
CA LEU A 394 -8.44 29.52 -9.37
C LEU A 394 -8.90 29.30 -10.76
N ALA A 395 -8.97 28.03 -11.13
CA ALA A 395 -9.40 27.62 -12.42
C ALA A 395 -10.82 27.14 -12.25
N PRO A 396 -11.67 27.34 -13.28
CA PRO A 396 -13.05 26.97 -13.08
C PRO A 396 -13.34 25.48 -13.04
N THR A 397 -14.41 25.14 -12.29
CA THR A 397 -15.05 23.89 -12.39
C THR A 397 -16.08 24.01 -13.50
N ILE A 398 -16.28 22.92 -14.26
CA ILE A 398 -17.08 22.97 -15.47
C ILE A 398 -18.29 22.06 -15.40
N ASN A 399 -19.09 22.12 -16.47
CA ASN A 399 -20.37 21.41 -16.58
C ASN A 399 -21.32 21.84 -15.44
N TYR A 400 -21.23 23.09 -15.04
CA TYR A 400 -22.06 23.66 -14.00
C TYR A 400 -22.91 24.88 -14.38
N THR A 401 -24.20 24.67 -14.36
CA THR A 401 -25.21 25.72 -14.62
C THR A 401 -25.98 26.23 -13.41
N SER A 402 -26.42 25.28 -12.61
CA SER A 402 -27.28 25.57 -11.54
C SER A 402 -27.05 24.61 -10.38
N PRO A 403 -27.11 25.14 -9.15
CA PRO A 403 -26.81 24.31 -8.00
C PRO A 403 -27.77 23.15 -7.84
N ASN A 404 -27.23 22.02 -7.43
CA ASN A 404 -28.06 20.93 -6.97
C ASN A 404 -29.02 21.51 -5.89
N PRO A 405 -30.33 21.28 -6.07
CA PRO A 405 -31.28 21.82 -5.11
C PRO A 405 -31.19 21.17 -3.74
N ASN A 406 -30.57 20.02 -3.62
CA ASN A 406 -30.30 19.49 -2.29
C ASN A 406 -29.14 20.11 -1.57
N ILE A 407 -28.35 20.98 -2.21
CA ILE A 407 -27.24 21.59 -1.58
C ILE A 407 -27.55 23.06 -1.37
N LYS A 408 -27.27 23.54 -0.19
CA LYS A 408 -27.47 24.93 0.14
C LYS A 408 -26.15 25.70 0.18
N PHE A 409 -25.69 26.20 -0.95
CA PHE A 409 -24.49 27.05 -1.01
C PHE A 409 -24.74 28.43 -0.42
N SER A 410 -25.93 28.97 -0.69
CA SER A 410 -26.33 30.27 -0.17
C SER A 410 -26.20 30.37 1.31
N GLY A 411 -25.49 31.43 1.75
CA GLY A 411 -25.32 31.65 3.19
C GLY A 411 -24.32 30.71 3.84
N SER A 412 -23.66 29.85 3.05
CA SER A 412 -22.62 29.04 3.59
C SER A 412 -21.30 29.69 3.25
N PRO A 413 -20.18 29.06 3.72
CA PRO A 413 -18.87 29.53 3.34
C PRO A 413 -18.53 29.41 1.89
N PHE A 414 -19.29 28.58 1.19
CA PHE A 414 -18.84 28.04 -0.08
C PHE A 414 -19.65 28.57 -1.29
N TYR A 415 -18.93 28.81 -2.37
CA TYR A 415 -19.48 29.03 -3.69
C TYR A 415 -18.86 28.07 -4.65
N VAL A 416 -19.61 27.71 -5.68
CA VAL A 416 -19.07 26.89 -6.72
C VAL A 416 -18.17 27.72 -7.62
N ALA A 417 -16.89 27.34 -7.77
CA ALA A 417 -15.90 28.16 -8.42
C ALA A 417 -15.99 27.93 -9.93
N ASP A 418 -17.04 28.48 -10.55
CA ASP A 418 -17.27 28.25 -11.97
C ASP A 418 -16.63 29.28 -12.93
N LYS A 419 -15.76 30.14 -12.41
CA LYS A 419 -15.02 31.14 -13.15
C LYS A 419 -13.57 31.17 -12.72
N ARG A 420 -12.71 31.67 -13.58
CA ARG A 420 -11.38 32.01 -13.19
C ARG A 420 -11.48 33.06 -12.12
N LYS A 421 -10.58 32.98 -11.18
CA LYS A 421 -10.47 34.00 -10.15
C LYS A 421 -9.07 34.25 -9.68
N THR A 422 -8.66 35.51 -9.72
CA THR A 422 -7.39 35.93 -9.13
C THR A 422 -7.39 35.86 -7.61
N LEU A 423 -6.33 35.31 -7.03
CA LEU A 423 -6.20 35.23 -5.59
C LEU A 423 -5.52 36.53 -5.19
N PRO A 424 -6.24 37.38 -4.45
CA PRO A 424 -5.74 38.69 -4.05
C PRO A 424 -4.52 38.62 -3.15
N GLU A 425 -3.61 39.56 -3.33
CA GLU A 425 -2.61 39.88 -2.32
C GLU A 425 -3.29 40.02 -0.97
N ARG A 426 -2.70 39.37 0.03
CA ARG A 426 -3.14 39.54 1.40
C ARG A 426 -1.95 39.10 2.22
N GLU A 427 -2.04 39.25 3.53
CA GLU A 427 -0.90 38.96 4.35
C GLU A 427 -0.74 37.44 4.57
N THR A 428 -1.80 36.78 5.04
CA THR A 428 -1.77 35.33 5.23
C THR A 428 -1.64 34.69 3.86
N PRO A 429 -0.66 33.77 3.66
CA PRO A 429 -0.68 33.02 2.38
C PRO A 429 -2.04 32.39 2.11
N HIS A 430 -2.43 32.34 0.85
CA HIS A 430 -3.60 31.58 0.45
C HIS A 430 -3.44 30.06 0.73
N ARG A 431 -4.53 29.42 1.05
CA ARG A 431 -4.53 27.98 1.32
C ARG A 431 -5.64 27.37 0.55
N ALA A 432 -5.45 26.10 0.17
CA ALA A 432 -6.47 25.37 -0.55
C ALA A 432 -6.48 23.95 -0.03
N ALA A 433 -7.67 23.39 0.14
CA ALA A 433 -7.76 21.98 0.63
C ALA A 433 -8.14 21.02 -0.50
N LEU A 434 -7.95 19.72 -0.25
CA LEU A 434 -8.20 18.69 -1.24
C LEU A 434 -8.77 17.49 -0.52
N SER A 435 -9.79 16.90 -1.12
CA SER A 435 -10.44 15.71 -0.60
C SER A 435 -10.41 14.56 -1.59
N SER A 436 -10.31 13.35 -1.06
CA SER A 436 -10.45 12.13 -1.91
C SER A 436 -11.02 11.00 -1.03
N PHE A 437 -12.16 10.49 -1.45
CA PHE A 437 -12.97 9.56 -0.68
C PHE A 437 -13.09 8.29 -1.46
N GLY A 438 -12.42 7.24 -1.00
CA GLY A 438 -12.36 6.05 -1.79
C GLY A 438 -13.59 5.17 -1.66
N LEU A 439 -13.82 4.39 -2.70
CA LEU A 439 -14.72 3.27 -2.57
C LEU A 439 -14.12 2.23 -1.58
N GLY A 440 -14.92 1.83 -0.61
CA GLY A 440 -14.47 1.01 0.56
C GLY A 440 -14.22 1.88 1.77
N GLY A 441 -14.38 3.20 1.61
CA GLY A 441 -14.46 4.07 2.77
C GLY A 441 -13.20 4.69 3.34
N THR A 442 -12.05 4.51 2.68
CA THR A 442 -10.86 5.24 3.13
C THR A 442 -10.84 6.68 2.59
N ASN A 443 -10.91 7.62 3.53
CA ASN A 443 -11.05 9.05 3.24
C ASN A 443 -9.75 9.78 3.51
N ALA A 444 -9.46 10.76 2.70
CA ALA A 444 -8.30 11.58 2.86
C ALA A 444 -8.67 13.05 2.68
N HIS A 445 -8.05 13.90 3.46
CA HIS A 445 -8.14 15.38 3.31
C HIS A 445 -6.78 15.95 3.54
N ALA A 446 -6.43 16.98 2.76
CA ALA A 446 -5.16 17.65 2.81
C ALA A 446 -5.29 19.15 2.67
N ILE A 447 -4.40 19.88 3.32
CA ILE A 447 -4.36 21.34 3.20
C ILE A 447 -3.02 21.80 2.67
N PHE A 448 -3.09 22.64 1.64
CA PHE A 448 -1.93 23.15 0.92
C PHE A 448 -1.87 24.68 1.09
N GLU A 449 -0.67 25.24 0.89
CA GLU A 449 -0.44 26.68 1.11
C GLU A 449 0.44 27.22 0.02
N GLN A 450 0.12 28.44 -0.44
CA GLN A 450 0.97 29.13 -1.39
C GLN A 450 2.34 29.43 -0.83
N TYR A 451 3.36 29.38 -1.68
CA TYR A 451 4.71 29.79 -1.29
C TYR A 451 5.22 30.78 -2.34
N GLU A 452 5.74 31.91 -1.94
CA GLU A 452 6.33 32.86 -2.96
C GLU A 452 7.82 33.03 -2.80
N GLY A 462 22.17 38.07 -14.11
CA GLY A 462 23.12 37.22 -14.80
C GLY A 462 23.28 37.59 -16.28
N GLN A 463 24.50 37.63 -16.79
CA GLN A 463 24.79 38.15 -18.14
C GLN A 463 25.20 37.14 -19.18
N PRO A 464 24.84 37.39 -20.44
CA PRO A 464 25.19 36.52 -21.54
C PRO A 464 26.71 36.46 -21.76
N PRO A 465 27.22 35.46 -22.49
CA PRO A 465 26.40 34.45 -23.09
C PRO A 465 26.10 33.36 -22.09
N TYR A 466 25.17 32.52 -22.51
CA TYR A 466 24.70 31.42 -21.70
C TYR A 466 25.07 30.13 -22.42
N ILE A 467 25.36 29.10 -21.64
CA ILE A 467 25.76 27.79 -22.09
C ILE A 467 24.71 26.74 -21.73
N VAL A 468 24.05 26.22 -22.74
CA VAL A 468 23.09 25.12 -22.58
C VAL A 468 23.73 23.82 -23.07
N PRO A 469 24.19 22.99 -22.14
CA PRO A 469 24.71 21.66 -22.42
C PRO A 469 23.65 20.57 -22.46
N LEU A 470 23.19 20.15 -23.64
CA LEU A 470 22.16 19.13 -23.76
C LEU A 470 22.83 17.76 -23.93
N SER A 471 22.26 16.71 -23.36
CA SER A 471 22.79 15.39 -23.62
C SER A 471 21.71 14.38 -23.52
N ALA A 472 21.90 13.29 -24.26
CA ALA A 472 20.94 12.19 -24.27
C ALA A 472 21.69 10.89 -24.60
N ARG A 473 20.96 9.80 -24.75
CA ARG A 473 21.64 8.49 -24.91
C ARG A 473 22.20 8.27 -26.30
N ASN A 474 21.62 8.92 -27.31
CA ASN A 474 22.08 8.69 -28.67
C ASN A 474 21.71 9.92 -29.46
N LYS A 475 22.06 9.93 -30.74
CA LYS A 475 21.87 11.13 -31.53
C LYS A 475 20.40 11.43 -31.78
N GLN A 476 19.61 10.39 -31.97
CA GLN A 476 18.20 10.54 -32.29
C GLN A 476 17.45 11.17 -31.08
N ARG A 477 17.77 10.70 -29.88
CA ARG A 477 17.21 11.29 -28.64
C ARG A 477 17.68 12.71 -28.44
N LEU A 478 18.95 13.00 -28.78
CA LEU A 478 19.48 14.33 -28.61
C LEU A 478 18.78 15.34 -29.52
N THR A 479 18.55 14.94 -30.73
CA THR A 479 17.80 15.73 -31.69
C THR A 479 16.41 16.00 -31.14
N ALA A 480 15.80 14.94 -30.59
CA ALA A 480 14.46 15.08 -30.00
C ALA A 480 14.46 16.02 -28.85
N TYR A 481 15.54 16.04 -28.08
CA TYR A 481 15.67 16.95 -26.99
C TYR A 481 15.70 18.42 -27.47
N ALA A 482 16.47 18.65 -28.51
CA ALA A 482 16.59 19.99 -29.11
C ALA A 482 15.24 20.44 -29.63
N SER A 483 14.52 19.52 -30.22
CA SER A 483 13.21 19.80 -30.71
C SER A 483 12.21 20.14 -29.56
N CYS A 484 12.22 19.36 -28.48
CA CYS A 484 11.41 19.70 -27.29
C CYS A 484 11.77 21.08 -26.75
N LEU A 485 13.06 21.38 -26.69
CA LEU A 485 13.52 22.60 -26.10
C LEU A 485 13.10 23.80 -26.96
N SER A 486 13.20 23.63 -28.28
CA SER A 486 12.78 24.66 -29.24
C SER A 486 11.29 24.90 -29.16
N GLY A 487 10.50 23.83 -29.17
CA GLY A 487 9.04 23.94 -28.98
C GLY A 487 8.66 24.67 -27.70
N PHE A 488 9.37 24.40 -26.63
CA PHE A 488 9.16 25.03 -25.35
C PHE A 488 9.39 26.53 -25.42
N LEU A 489 10.49 26.93 -26.04
CA LEU A 489 10.82 28.31 -26.16
C LEU A 489 9.70 29.04 -26.95
N ASP A 490 9.13 28.42 -27.94
CA ASP A 490 8.10 29.01 -28.80
C ASP A 490 6.78 29.04 -28.09
N GLU A 491 6.47 27.95 -27.36
CA GLU A 491 5.17 27.79 -26.69
C GLU A 491 5.04 28.43 -25.34
N ALA A 492 6.13 28.69 -24.64
CA ALA A 492 6.05 29.30 -23.32
C ALA A 492 5.18 30.55 -23.45
N GLU A 493 4.29 30.78 -22.49
CA GLU A 493 3.38 31.92 -22.61
C GLU A 493 4.12 33.19 -22.28
N ASN A 494 5.09 33.08 -21.33
CA ASN A 494 5.98 34.18 -20.96
C ASN A 494 7.45 33.99 -21.39
N ASP A 495 8.20 35.08 -21.28
CA ASP A 495 9.59 35.07 -21.66
C ASP A 495 10.29 34.09 -20.72
N VAL A 496 11.34 33.46 -21.21
CA VAL A 496 12.04 32.40 -20.42
C VAL A 496 13.41 32.94 -20.13
N SER A 497 13.82 32.94 -18.89
CA SER A 497 15.17 33.33 -18.55
C SER A 497 16.22 32.32 -19.03
N LEU A 498 17.10 32.75 -19.95
CA LEU A 498 18.17 31.86 -20.36
C LEU A 498 19.15 31.59 -19.26
N HIS A 499 19.36 32.56 -18.38
CA HIS A 499 20.25 32.40 -17.22
C HIS A 499 19.81 31.13 -16.42
N ASP A 500 18.52 31.10 -16.12
CA ASP A 500 17.98 30.01 -15.28
C ASP A 500 17.83 28.74 -16.07
N LEU A 501 17.41 28.86 -17.33
CA LEU A 501 17.28 27.71 -18.20
C LEU A 501 18.63 26.98 -18.39
N ALA A 502 19.65 27.74 -18.71
CA ALA A 502 21.00 27.13 -18.88
C ALA A 502 21.49 26.43 -17.57
N TYR A 503 21.34 27.11 -16.44
CA TYR A 503 21.69 26.57 -15.17
C TYR A 503 20.96 25.25 -14.90
N THR A 504 19.71 25.13 -15.37
CA THR A 504 18.90 23.94 -15.15
C THR A 504 19.46 22.77 -15.94
N TYR A 505 19.84 22.99 -17.19
CA TYR A 505 20.45 21.93 -17.99
C TYR A 505 21.87 21.59 -17.49
N GLN A 506 22.61 22.60 -16.99
CA GLN A 506 23.95 22.39 -16.45
C GLN A 506 23.93 21.47 -15.19
N THR A 507 23.05 21.80 -14.25
CA THR A 507 23.07 21.22 -12.92
C THR A 507 21.91 20.31 -12.54
N GLY A 508 20.87 20.28 -13.40
CA GLY A 508 19.66 19.54 -13.16
C GLY A 508 19.32 18.44 -14.12
N ARG A 509 20.32 17.95 -14.85
CA ARG A 509 20.12 16.90 -15.81
C ARG A 509 21.41 16.03 -15.85
N GLU A 510 21.20 14.72 -15.87
CA GLU A 510 22.32 13.80 -15.87
C GLU A 510 23.05 14.00 -17.22
N ALA A 511 24.37 14.09 -17.14
CA ALA A 511 25.19 14.25 -18.35
C ALA A 511 25.33 12.89 -18.97
N MET A 512 24.85 12.73 -20.19
CA MET A 512 24.80 11.49 -20.89
C MET A 512 25.77 11.43 -22.09
N GLU A 513 25.76 10.30 -22.83
CA GLU A 513 26.81 10.01 -23.83
C GLU A 513 26.82 10.83 -25.11
N GLU A 514 25.66 11.27 -25.59
CA GLU A 514 25.61 12.13 -26.77
C GLU A 514 25.40 13.57 -26.31
N ARG A 515 26.34 14.45 -26.65
CA ARG A 515 26.42 15.76 -26.07
C ARG A 515 26.49 16.86 -27.16
N ALA A 516 25.84 17.99 -26.85
CA ALA A 516 25.88 19.22 -27.67
C ALA A 516 25.78 20.40 -26.74
N VAL A 517 26.57 21.42 -27.05
CA VAL A 517 26.57 22.66 -26.29
C VAL A 517 26.11 23.82 -27.19
N PHE A 518 25.16 24.61 -26.68
CA PHE A 518 24.63 25.79 -27.38
C PHE A 518 25.00 27.02 -26.56
N ILE A 519 25.89 27.89 -27.12
CA ILE A 519 26.30 29.11 -26.45
C ILE A 519 25.53 30.24 -27.09
N SER A 520 24.77 30.97 -26.31
CA SER A 520 23.83 31.93 -26.91
C SER A 520 23.67 33.15 -26.06
N HIS A 521 23.33 34.26 -26.71
CA HIS A 521 23.03 35.47 -26.01
C HIS A 521 21.58 35.64 -25.66
N ASP A 522 20.67 35.05 -26.41
CA ASP A 522 19.27 35.29 -26.19
C ASP A 522 18.44 34.17 -26.73
N ARG A 523 17.17 34.19 -26.35
CA ARG A 523 16.25 33.15 -26.69
C ARG A 523 16.11 32.95 -28.17
N HIS A 524 16.13 34.03 -28.98
CA HIS A 524 15.84 33.84 -30.45
C HIS A 524 17.02 33.25 -31.19
N ASP A 525 18.19 33.66 -30.77
CA ASP A 525 19.45 33.05 -31.28
C ASP A 525 19.56 31.57 -30.85
N LEU A 526 19.33 31.31 -29.56
CA LEU A 526 19.29 29.92 -29.08
C LEU A 526 18.36 29.08 -29.92
N ASN A 527 17.13 29.55 -30.15
CA ASN A 527 16.20 28.81 -30.95
C ASN A 527 16.68 28.59 -32.35
N ARG A 528 17.40 29.58 -32.90
CA ARG A 528 17.94 29.42 -34.27
C ARG A 528 18.97 28.31 -34.26
N GLN A 529 19.82 28.26 -33.26
CA GLN A 529 20.87 27.20 -33.18
C GLN A 529 20.25 25.82 -33.01
N LEU A 530 19.15 25.75 -32.23
CA LEU A 530 18.46 24.50 -32.01
C LEU A 530 17.86 24.06 -33.32
N GLN A 531 17.28 24.99 -34.07
CA GLN A 531 16.69 24.60 -35.34
C GLN A 531 17.77 24.14 -36.34
N ASP A 532 18.92 24.82 -36.37
CA ASP A 532 20.06 24.36 -37.20
C ASP A 532 20.41 22.91 -36.87
N PHE A 533 20.56 22.65 -35.57
CA PHE A 533 20.90 21.32 -35.08
C PHE A 533 19.82 20.29 -35.50
N ILE A 534 18.54 20.63 -35.31
CA ILE A 534 17.45 19.74 -35.67
C ILE A 534 17.50 19.42 -37.15
N ASN A 535 17.94 20.39 -37.96
CA ASN A 535 17.96 20.19 -39.41
C ASN A 535 19.20 19.55 -39.97
N GLY A 536 20.17 19.26 -39.12
CA GLY A 536 21.37 18.61 -39.58
C GLY A 536 22.52 19.57 -39.78
N ASN A 537 22.25 20.88 -39.67
CA ASN A 537 23.25 21.89 -39.93
C ASN A 537 24.02 22.19 -38.67
N ASP A 538 24.87 21.25 -38.29
CA ASP A 538 25.46 21.32 -36.97
C ASP A 538 26.96 21.58 -36.97
N GLN A 539 27.49 22.15 -38.05
CA GLN A 539 28.95 22.35 -38.15
C GLN A 539 29.45 23.45 -37.28
N ASN A 540 28.56 24.35 -36.83
CA ASN A 540 28.92 25.37 -35.87
C ASN A 540 28.60 24.98 -34.44
N ILE A 541 28.23 23.73 -34.17
CA ILE A 541 27.88 23.35 -32.78
C ILE A 541 28.89 22.37 -32.19
N LEU A 542 29.49 22.70 -31.05
CA LEU A 542 30.32 21.75 -30.34
C LEU A 542 29.51 20.51 -29.94
N ARG A 543 30.04 19.34 -30.24
CA ARG A 543 29.33 18.07 -30.11
C ARG A 543 30.28 17.08 -29.49
N GLY A 544 29.73 16.08 -28.80
CA GLY A 544 30.50 14.93 -28.27
C GLY A 544 29.71 13.67 -28.52
N GLU A 545 30.38 12.59 -28.93
CA GLU A 545 29.74 11.28 -29.17
C GLU A 545 30.41 10.22 -28.30
N LYS A 546 29.62 9.28 -27.79
CA LYS A 546 30.12 8.23 -26.94
C LYS A 546 30.97 8.77 -25.84
N VAL A 547 30.50 9.82 -25.20
CA VAL A 547 31.31 10.53 -24.25
C VAL A 547 31.41 9.73 -22.99
N ARG A 548 32.62 9.69 -22.42
CA ARG A 548 32.84 9.06 -21.15
C ARG A 548 33.19 10.08 -20.10
N SER A 549 32.50 10.02 -18.97
CA SER A 549 32.73 10.96 -17.89
C SER A 549 34.08 10.75 -17.23
N ARG A 550 34.73 11.85 -16.84
CA ARG A 550 35.97 11.78 -16.13
C ARG A 550 36.12 13.01 -15.28
N GLU A 551 36.99 12.89 -14.28
CA GLU A 551 37.32 14.01 -13.42
C GLU A 551 38.03 15.04 -14.30
N ARG A 566 36.17 35.90 -19.32
CA ARG A 566 34.88 35.29 -19.00
C ARG A 566 34.32 34.59 -20.21
N ASP A 567 34.39 35.21 -21.37
CA ASP A 567 33.93 34.53 -22.57
C ASP A 567 34.82 33.32 -22.93
N GLU A 568 36.12 33.52 -22.68
CA GLU A 568 37.15 32.55 -22.97
C GLU A 568 36.90 31.35 -22.06
N LYS A 569 36.68 31.65 -20.80
CA LYS A 569 36.48 30.66 -19.76
C LYS A 569 35.24 29.76 -19.96
N LEU A 570 34.15 30.42 -20.33
CA LEU A 570 32.93 29.73 -20.74
C LEU A 570 33.19 28.76 -21.89
N LYS A 571 33.81 29.25 -22.97
CA LYS A 571 34.10 28.37 -24.14
C LYS A 571 34.97 27.19 -23.72
N ALA A 572 35.89 27.46 -22.79
CA ALA A 572 36.79 26.42 -22.33
C ALA A 572 36.04 25.34 -21.53
N LEU A 573 35.16 25.76 -20.62
CA LEU A 573 34.34 24.78 -19.86
C LEU A 573 33.51 23.93 -20.80
N ALA A 574 32.94 24.57 -21.80
CA ALA A 574 32.09 23.89 -22.71
C ALA A 574 32.83 22.81 -23.44
N ALA A 575 34.03 23.12 -23.93
CA ALA A 575 34.81 22.12 -24.67
C ALA A 575 35.25 20.94 -23.77
N LEU A 576 35.63 21.24 -22.54
CA LEU A 576 35.90 20.19 -21.55
C LEU A 576 34.68 19.29 -21.33
N TRP A 577 33.52 19.92 -21.11
CA TRP A 577 32.30 19.16 -20.82
C TRP A 577 31.91 18.25 -21.98
N VAL A 578 32.06 18.72 -23.22
CA VAL A 578 31.65 17.87 -24.34
C VAL A 578 32.60 16.68 -24.52
N GLU A 579 33.77 16.75 -23.92
CA GLU A 579 34.63 15.58 -23.97
C GLU A 579 34.53 14.76 -22.71
N GLY A 580 33.65 15.15 -21.79
CA GLY A 580 33.30 14.31 -20.66
C GLY A 580 33.79 14.75 -19.32
N ALA A 581 34.61 15.78 -19.30
CA ALA A 581 35.09 16.29 -18.02
C ALA A 581 33.90 16.75 -17.16
N ARG A 582 33.88 16.28 -15.92
CA ARG A 582 32.94 16.77 -14.97
C ARG A 582 33.24 18.17 -14.48
N VAL A 583 32.99 19.16 -15.30
CA VAL A 583 33.24 20.51 -14.92
C VAL A 583 32.34 21.00 -13.79
N ASP A 584 32.84 21.98 -13.07
CA ASP A 584 32.18 22.66 -12.01
C ASP A 584 31.46 23.83 -12.65
N TRP A 585 30.18 23.64 -12.94
CA TRP A 585 29.40 24.75 -13.52
C TRP A 585 29.30 25.98 -12.60
N GLY A 586 29.50 25.81 -11.30
CA GLY A 586 29.63 26.94 -10.38
C GLY A 586 30.58 28.05 -10.84
N LEU A 588 30.78 29.43 -13.47
CA LEU A 588 30.13 30.40 -14.30
C LEU A 588 29.54 31.52 -13.49
N TYR A 589 29.43 31.37 -12.18
CA TYR A 589 28.52 32.23 -11.41
C TYR A 589 29.26 32.80 -10.18
N PRO A 590 30.31 33.61 -10.42
CA PRO A 590 31.02 34.20 -9.26
C PRO A 590 30.15 35.31 -8.69
N ASP A 591 29.45 36.05 -9.55
CA ASP A 591 28.57 37.13 -9.08
C ASP A 591 27.22 37.20 -9.83
N SER A 592 26.61 36.03 -10.08
CA SER A 592 25.17 35.93 -10.32
C SER A 592 24.64 34.65 -9.66
N ALA A 593 23.34 34.59 -9.45
CA ALA A 593 22.77 33.46 -8.67
C ALA A 593 21.58 32.87 -9.44
N PRO A 594 21.83 31.91 -10.34
CA PRO A 594 20.73 31.47 -11.19
C PRO A 594 19.83 30.57 -10.36
N GLN A 595 18.64 30.30 -10.87
CA GLN A 595 17.61 29.52 -10.16
C GLN A 595 17.17 28.39 -11.07
N ARG A 596 17.07 27.17 -10.54
CA ARG A 596 16.53 26.07 -11.32
C ARG A 596 15.04 26.29 -11.62
N ILE A 597 14.61 25.97 -12.83
CA ILE A 597 13.25 26.17 -13.29
C ILE A 597 12.69 24.92 -13.90
N SER A 598 11.38 24.90 -14.08
CA SER A 598 10.70 23.86 -14.81
C SER A 598 10.98 23.96 -16.30
N ALA A 599 11.54 22.91 -16.89
CA ALA A 599 11.94 22.89 -18.30
C ALA A 599 11.78 21.53 -18.90
N PRO A 600 11.85 21.41 -20.23
CA PRO A 600 11.62 20.16 -20.85
C PRO A 600 12.54 19.03 -20.29
N THR A 601 11.94 17.88 -20.13
CA THR A 601 12.65 16.74 -19.48
C THR A 601 12.99 15.73 -20.53
N TYR A 602 13.60 14.60 -20.14
CA TYR A 602 14.17 13.68 -21.12
C TYR A 602 13.22 13.20 -22.17
N PRO A 603 13.62 13.28 -23.45
CA PRO A 603 12.73 12.87 -24.52
C PRO A 603 12.84 11.41 -24.76
N PHE A 604 12.11 10.60 -23.96
CA PHE A 604 12.13 9.16 -24.15
C PHE A 604 11.76 8.72 -25.53
N ALA A 605 12.43 7.70 -26.00
CA ALA A 605 11.96 6.97 -27.19
C ALA A 605 10.53 6.52 -27.02
N GLU A 606 9.84 6.43 -28.15
CA GLU A 606 8.46 6.05 -28.19
C GLU A 606 8.26 4.78 -28.97
N GLU A 607 8.75 3.68 -28.42
CA GLU A 607 8.64 2.38 -29.07
C GLU A 607 7.49 1.60 -28.47
N ARG A 608 6.80 0.83 -29.31
CA ARG A 608 5.59 0.13 -28.93
C ARG A 608 5.90 -1.21 -28.33
N PHE A 609 5.35 -1.51 -27.14
CA PHE A 609 5.37 -2.89 -26.59
C PHE A 609 4.02 -3.18 -26.07
N TRP A 610 3.41 -4.23 -26.59
CA TRP A 610 2.09 -4.65 -26.25
C TRP A 610 1.93 -6.14 -26.71
N PRO A 611 1.26 -7.00 -25.93
CA PRO A 611 1.14 -8.43 -26.30
C PRO A 611 0.48 -8.64 -27.67
N TYR B 22 8.50 2.56 29.76
CA TYR B 22 9.41 1.61 29.09
C TYR B 22 8.82 1.18 27.74
N PHE B 23 7.50 1.05 27.73
CA PHE B 23 6.72 0.57 26.55
C PHE B 23 6.13 1.66 25.63
N ASP B 24 6.53 2.92 25.81
CA ASP B 24 6.05 4.00 24.91
C ASP B 24 6.29 3.77 23.45
N ASP B 25 7.38 3.09 23.09
CA ASP B 25 7.72 2.91 21.69
C ASP B 25 7.48 1.48 21.29
N SER B 26 6.67 0.77 22.08
CA SER B 26 6.33 -0.62 21.83
C SER B 26 4.88 -0.85 21.48
N VAL B 27 4.65 -1.93 20.74
CA VAL B 27 3.36 -2.38 20.35
C VAL B 27 3.24 -3.85 20.67
N ALA B 28 2.12 -4.19 21.27
CA ALA B 28 1.85 -5.59 21.71
C ALA B 28 1.18 -6.38 20.62
N ILE B 29 1.61 -7.60 20.39
CA ILE B 29 0.90 -8.50 19.54
C ILE B 29 -0.10 -9.23 20.41
N VAL B 30 -1.39 -8.96 20.20
CA VAL B 30 -2.46 -9.48 21.08
C VAL B 30 -3.40 -10.54 20.44
N GLY B 31 -3.40 -10.66 19.13
CA GLY B 31 -4.18 -11.61 18.38
C GLY B 31 -3.44 -12.13 17.16
N ILE B 32 -3.62 -13.44 16.87
CA ILE B 32 -3.09 -14.09 15.72
C ILE B 32 -4.10 -15.01 15.12
N SER B 33 -4.17 -14.97 13.79
CA SER B 33 -4.85 -16.02 13.02
C SER B 33 -4.10 -16.36 11.75
N CYS B 34 -3.76 -17.63 11.54
CA CYS B 34 -3.07 -18.05 10.33
C CYS B 34 -3.48 -19.40 9.86
N GLN B 35 -3.17 -19.61 8.60
CA GLN B 35 -3.46 -20.77 7.86
C GLN B 35 -2.26 -20.94 6.90
N PHE B 36 -1.36 -21.84 7.27
CA PHE B 36 -0.13 -22.03 6.55
C PHE B 36 -0.01 -23.49 6.17
N PRO B 37 0.94 -23.84 5.27
CA PRO B 37 1.12 -25.22 4.87
C PRO B 37 1.33 -26.08 6.11
N GLY B 38 0.48 -27.11 6.23
CA GLY B 38 0.51 -28.06 7.32
C GLY B 38 -0.32 -27.70 8.55
N ALA B 39 -0.63 -26.42 8.74
CA ALA B 39 -1.11 -25.93 10.02
C ALA B 39 -2.42 -25.16 9.82
N LYS B 40 -3.44 -25.58 10.52
CA LYS B 40 -4.75 -24.96 10.36
C LYS B 40 -4.92 -23.75 11.22
N ASN B 41 -4.03 -23.56 12.17
CA ASN B 41 -4.07 -22.42 13.10
C ASN B 41 -2.69 -22.21 13.72
N HIS B 42 -2.48 -21.14 14.46
CA HIS B 42 -1.18 -20.82 14.92
C HIS B 42 -0.65 -21.74 16.05
N HIS B 43 -1.57 -22.30 16.80
CA HIS B 43 -1.14 -23.25 17.84
C HIS B 43 -0.60 -24.53 17.23
N GLU B 44 -1.27 -25.03 16.22
CA GLU B 44 -0.76 -26.15 15.44
C GLU B 44 0.56 -25.80 14.68
N PHE B 45 0.61 -24.59 14.11
CA PHE B 45 1.83 -24.11 13.53
C PHE B 45 3.02 -24.16 14.51
N TRP B 46 2.88 -23.61 15.71
CA TRP B 46 3.93 -23.59 16.68
C TRP B 46 4.37 -25.03 17.05
N LYS B 47 3.40 -25.89 17.24
CA LYS B 47 3.70 -27.34 17.46
C LYS B 47 4.57 -27.98 16.36
N GLN B 48 4.18 -27.75 15.13
CA GLN B 48 4.89 -28.24 13.99
C GLN B 48 6.31 -27.62 13.90
N LEU B 49 6.44 -26.33 14.19
CA LEU B 49 7.79 -25.70 14.25
C LEU B 49 8.65 -26.33 15.40
N ARG B 50 8.07 -26.52 16.58
CA ARG B 50 8.83 -27.04 17.71
C ARG B 50 9.37 -28.46 17.37
N GLU B 51 8.60 -29.22 16.63
CA GLU B 51 8.89 -30.58 16.32
C GLU B 51 9.77 -30.72 15.08
N GLY B 52 10.11 -29.63 14.37
CA GLY B 52 10.96 -29.75 13.17
C GLY B 52 10.28 -30.25 11.94
N LYS B 53 8.97 -30.04 11.80
CA LYS B 53 8.20 -30.63 10.72
C LYS B 53 8.28 -29.77 9.47
N GLU B 54 8.53 -30.41 8.33
CA GLU B 54 8.49 -29.80 7.02
C GLU B 54 7.13 -30.11 6.42
N SER B 55 6.43 -29.09 5.90
CA SER B 55 5.06 -29.32 5.40
C SER B 55 4.97 -29.21 3.93
N VAL B 56 6.09 -29.35 3.26
CA VAL B 56 6.09 -29.34 1.83
C VAL B 56 5.64 -30.74 1.40
N ARG B 57 4.75 -30.82 0.43
CA ARG B 57 4.28 -32.11 0.00
C ARG B 57 5.03 -32.53 -1.25
N PHE B 58 5.56 -33.76 -1.26
CA PHE B 58 6.15 -34.40 -2.44
C PHE B 58 5.26 -35.50 -3.00
N TYR B 59 5.16 -35.56 -4.31
CA TYR B 59 4.22 -36.44 -4.97
C TYR B 59 4.98 -37.61 -5.61
N PRO B 70 0.77 -34.68 -15.77
CA PRO B 70 1.00 -34.32 -17.18
C PRO B 70 2.33 -34.86 -17.71
N GLU B 71 2.24 -35.80 -18.63
CA GLU B 71 3.37 -36.70 -18.95
C GLU B 71 4.74 -36.04 -19.23
N ASP B 72 4.79 -34.95 -19.99
CA ASP B 72 6.09 -34.27 -20.29
C ASP B 72 6.82 -33.92 -19.03
N LEU B 73 6.08 -33.26 -18.14
CA LEU B 73 6.60 -32.80 -16.85
C LEU B 73 6.97 -34.01 -15.99
N ILE B 74 6.08 -35.00 -15.95
CA ILE B 74 6.35 -36.18 -15.13
C ILE B 74 7.70 -36.76 -15.52
N GLU B 75 7.98 -36.79 -16.83
CA GLU B 75 9.19 -37.44 -17.33
C GLU B 75 10.42 -36.55 -17.28
N ASN B 76 10.23 -35.25 -17.05
CA ASN B 76 11.35 -34.34 -17.06
C ASN B 76 12.21 -34.55 -15.82
N PRO B 77 13.48 -34.92 -15.98
CA PRO B 77 14.28 -35.20 -14.76
C PRO B 77 14.55 -33.97 -13.89
N ASP B 78 14.28 -32.77 -14.42
CA ASP B 78 14.39 -31.51 -13.67
C ASP B 78 13.06 -30.99 -13.10
N TYR B 79 11.98 -31.70 -13.34
CA TYR B 79 10.71 -31.39 -12.67
C TYR B 79 10.82 -31.72 -11.18
N VAL B 80 10.46 -30.79 -10.33
CA VAL B 80 10.54 -31.03 -8.90
C VAL B 80 9.07 -31.20 -8.46
N PRO B 81 8.70 -32.40 -7.97
CA PRO B 81 7.31 -32.74 -7.72
C PRO B 81 6.84 -32.33 -6.29
N ALA B 82 6.88 -31.01 -6.02
CA ALA B 82 6.67 -30.50 -4.68
C ALA B 82 5.65 -29.36 -4.67
N LEU B 83 4.85 -29.30 -3.60
CA LEU B 83 3.88 -28.20 -3.42
C LEU B 83 3.67 -27.96 -1.95
N SER B 84 3.75 -26.68 -1.57
CA SER B 84 3.52 -26.27 -0.23
C SER B 84 2.35 -25.28 -0.29
N THR B 85 1.15 -25.76 0.03
CA THR B 85 0.00 -24.92 -0.01
C THR B 85 -0.92 -25.21 1.18
N ILE B 86 -1.96 -24.43 1.29
CA ILE B 86 -3.02 -24.64 2.23
C ILE B 86 -4.17 -25.27 1.46
N GLU B 87 -5.17 -25.75 2.19
CA GLU B 87 -6.32 -26.33 1.56
C GLU B 87 -7.50 -25.42 1.72
N GLY B 88 -8.49 -25.60 0.85
CA GLY B 88 -9.71 -24.84 0.98
C GLY B 88 -9.60 -23.35 0.61
N LYS B 89 -8.78 -23.00 -0.37
CA LYS B 89 -8.68 -21.64 -0.90
C LYS B 89 -9.97 -21.12 -1.41
N ASP B 90 -10.81 -22.04 -1.87
CA ASP B 90 -12.10 -21.75 -2.41
C ASP B 90 -13.27 -21.65 -1.39
N LEU B 91 -12.99 -21.92 -0.12
CA LEU B 91 -14.07 -22.04 0.87
C LEU B 91 -14.32 -20.70 1.53
N PHE B 92 -15.58 -20.35 1.69
CA PHE B 92 -15.95 -19.10 2.30
C PHE B 92 -17.35 -19.17 2.88
N ASP B 93 -17.67 -18.15 3.68
CA ASP B 93 -19.01 -17.94 4.30
C ASP B 93 -19.53 -16.53 3.97
N PRO B 94 -20.02 -16.35 2.75
CA PRO B 94 -20.43 -15.01 2.35
C PRO B 94 -21.65 -14.52 3.13
N GLU B 95 -22.56 -15.43 3.50
CA GLU B 95 -23.76 -15.04 4.22
C GLU B 95 -23.43 -14.33 5.55
N PHE B 96 -22.38 -14.79 6.24
CA PHE B 96 -21.93 -14.14 7.46
C PHE B 96 -21.70 -12.60 7.29
N PHE B 97 -21.17 -12.24 6.13
CA PHE B 97 -20.81 -10.85 5.79
C PHE B 97 -21.86 -10.16 4.90
N HIS B 98 -22.98 -10.82 4.73
CA HIS B 98 -24.03 -10.38 3.79
C HIS B 98 -23.59 -10.20 2.37
N ILE B 99 -22.73 -11.07 1.88
CA ILE B 99 -22.25 -11.04 0.55
C ILE B 99 -23.04 -12.06 -0.20
N SER B 100 -23.43 -11.70 -1.42
CA SER B 100 -24.20 -12.58 -2.25
C SER B 100 -23.29 -13.68 -2.79
N PRO B 101 -23.85 -14.86 -3.09
CA PRO B 101 -23.11 -15.94 -3.76
C PRO B 101 -22.48 -15.51 -5.04
N LYS B 102 -23.15 -14.67 -5.81
CA LYS B 102 -22.54 -14.16 -7.04
C LYS B 102 -21.27 -13.34 -6.77
N ASP B 103 -21.35 -12.41 -5.85
CA ASP B 103 -20.21 -11.55 -5.52
C ASP B 103 -19.10 -12.36 -4.89
N ALA B 104 -19.45 -13.42 -4.12
CA ALA B 104 -18.43 -14.25 -3.47
C ALA B 104 -17.53 -14.86 -4.54
N GLU B 105 -18.14 -15.26 -5.68
CA GLU B 105 -17.40 -15.84 -6.77
C GLU B 105 -16.47 -14.82 -7.47
N PHE B 106 -16.88 -13.57 -7.49
CA PHE B 106 -16.06 -12.49 -7.99
C PHE B 106 -14.87 -12.20 -7.08
N MET B 107 -14.92 -12.66 -5.83
CA MET B 107 -13.86 -12.37 -4.88
C MET B 107 -12.71 -13.38 -4.99
N ASP B 108 -11.49 -12.89 -5.17
CA ASP B 108 -10.37 -13.79 -5.19
C ASP B 108 -10.17 -14.44 -3.78
N PRO B 109 -9.46 -15.55 -3.72
CA PRO B 109 -9.26 -16.22 -2.43
C PRO B 109 -8.46 -15.42 -1.44
N GLN B 110 -7.56 -14.57 -1.88
CA GLN B 110 -6.77 -13.77 -0.93
C GLN B 110 -7.71 -12.81 -0.19
N LEU B 111 -8.57 -12.15 -0.93
CA LEU B 111 -9.57 -11.24 -0.30
C LEU B 111 -10.45 -12.00 0.69
N ARG B 112 -10.97 -13.15 0.25
CA ARG B 112 -11.80 -13.97 1.10
C ARG B 112 -11.11 -14.44 2.38
N LEU B 113 -9.93 -15.03 2.25
CA LEU B 113 -9.24 -15.56 3.43
C LEU B 113 -8.68 -14.47 4.34
N LEU B 114 -8.25 -13.32 3.78
CA LEU B 114 -7.83 -12.25 4.65
C LEU B 114 -9.00 -11.67 5.46
N LEU B 115 -10.19 -11.67 4.89
CA LEU B 115 -11.35 -11.22 5.65
C LEU B 115 -11.64 -12.19 6.81
N LEU B 116 -11.70 -13.48 6.47
CA LEU B 116 -11.95 -14.50 7.48
C LEU B 116 -10.89 -14.42 8.61
N HIS B 117 -9.63 -14.38 8.23
CA HIS B 117 -8.57 -14.29 9.22
C HIS B 117 -8.51 -13.01 9.99
N SER B 118 -8.99 -11.88 9.42
CA SER B 118 -9.07 -10.68 10.17
C SER B 118 -10.11 -10.79 11.28
N TRP B 119 -11.28 -11.33 10.96
CA TRP B 119 -12.32 -11.56 11.93
C TRP B 119 -11.77 -12.44 13.10
N LYS B 120 -11.11 -13.51 12.72
CA LYS B 120 -10.54 -14.46 13.71
C LYS B 120 -9.43 -13.86 14.54
N ALA B 121 -8.53 -13.05 13.95
CA ALA B 121 -7.45 -12.46 14.73
C ALA B 121 -7.98 -11.58 15.85
N VAL B 122 -9.05 -10.80 15.61
CA VAL B 122 -9.61 -9.99 16.67
C VAL B 122 -10.23 -10.87 17.81
N GLU B 123 -10.98 -11.91 17.41
CA GLU B 123 -11.53 -12.89 18.36
C GLU B 123 -10.35 -13.60 19.12
N ASP B 124 -9.25 -13.89 18.44
CA ASP B 124 -8.11 -14.51 19.12
C ASP B 124 -7.62 -13.63 20.26
N ALA B 125 -7.63 -12.31 20.05
CA ALA B 125 -7.24 -11.36 21.04
C ALA B 125 -8.24 -11.20 22.23
N GLY B 126 -9.44 -11.66 22.02
CA GLY B 126 -10.51 -11.55 23.02
C GLY B 126 -11.33 -10.26 22.90
N TYR B 127 -11.46 -9.72 21.68
CA TYR B 127 -12.20 -8.47 21.43
C TYR B 127 -13.30 -8.72 20.40
N VAL B 128 -14.39 -7.97 20.61
CA VAL B 128 -15.52 -7.87 19.67
C VAL B 128 -15.16 -6.69 18.73
N SER B 129 -15.05 -6.99 17.44
CA SER B 129 -14.43 -6.02 16.52
C SER B 129 -15.14 -4.69 16.55
N LYS B 130 -16.47 -4.71 16.58
CA LYS B 130 -17.15 -3.40 16.50
C LYS B 130 -16.92 -2.57 17.75
N GLU B 131 -16.37 -3.17 18.83
CA GLU B 131 -16.03 -2.46 20.04
C GLU B 131 -14.65 -1.90 20.03
N ILE B 132 -13.88 -2.12 18.98
CA ILE B 132 -12.54 -1.50 18.83
C ILE B 132 -12.43 -0.68 17.52
N PRO B 133 -13.26 0.35 17.40
CA PRO B 133 -13.22 1.14 16.14
C PRO B 133 -11.86 1.81 15.83
N LYS B 134 -11.03 2.14 16.84
CA LYS B 134 -9.82 2.85 16.63
C LYS B 134 -8.69 1.90 16.20
N THR B 135 -8.91 1.29 15.06
CA THR B 135 -8.02 0.26 14.53
C THR B 135 -7.71 0.58 13.09
N SER B 136 -6.42 0.63 12.76
CA SER B 136 -5.94 0.71 11.40
C SER B 136 -5.88 -0.69 10.77
N VAL B 137 -5.89 -0.75 9.45
CA VAL B 137 -5.87 -1.99 8.71
C VAL B 137 -4.89 -1.92 7.53
N TYR B 138 -3.92 -2.86 7.54
CA TYR B 138 -2.90 -2.94 6.45
C TYR B 138 -2.90 -4.36 5.93
N MET B 139 -3.03 -4.51 4.61
CA MET B 139 -3.09 -5.79 3.98
C MET B 139 -2.14 -5.87 2.79
N SER B 140 -1.59 -7.07 2.55
CA SER B 140 -0.79 -7.34 1.36
C SER B 140 -1.18 -8.66 0.73
N ALA B 141 -1.14 -8.76 -0.61
CA ALA B 141 -1.46 -9.95 -1.32
C ALA B 141 -0.85 -9.91 -2.71
N SER B 142 -0.84 -11.05 -3.39
CA SER B 142 -0.27 -11.16 -4.75
C SER B 142 -1.23 -10.72 -5.84
N ASN B 143 -0.68 -10.40 -6.99
CA ASN B 143 -1.46 -10.34 -8.18
C ASN B 143 -1.50 -11.77 -8.77
N ASN B 144 -2.64 -12.42 -8.57
CA ASN B 144 -2.84 -13.83 -8.98
C ASN B 144 -3.76 -13.96 -10.19
N SER B 145 -4.12 -12.85 -10.83
CA SER B 145 -4.91 -12.88 -12.02
C SER B 145 -6.26 -13.56 -11.88
N TYR B 146 -6.84 -13.55 -10.68
CA TYR B 146 -8.07 -14.26 -10.45
C TYR B 146 -9.18 -13.77 -11.34
N ARG B 147 -9.30 -12.43 -11.52
CA ARG B 147 -10.43 -11.93 -12.25
C ARG B 147 -10.51 -12.47 -13.72
N SER B 148 -9.35 -12.72 -14.28
CA SER B 148 -9.18 -13.38 -15.61
C SER B 148 -9.85 -14.70 -15.74
N LEU B 149 -10.09 -15.38 -14.62
CA LEU B 149 -10.80 -16.64 -14.67
C LEU B 149 -12.29 -16.51 -14.93
N LEU B 150 -12.84 -15.34 -14.71
CA LEU B 150 -14.26 -15.16 -14.84
C LEU B 150 -14.69 -15.21 -16.33
N PRO B 151 -15.97 -15.46 -16.62
CA PRO B 151 -16.49 -15.50 -17.99
C PRO B 151 -16.26 -14.20 -18.74
N GLU B 152 -15.93 -14.32 -20.01
CA GLU B 152 -15.68 -13.15 -20.83
C GLU B 152 -16.86 -12.18 -20.81
N LYS B 153 -18.07 -12.69 -20.77
CA LYS B 153 -19.24 -11.82 -20.77
C LYS B 153 -19.24 -11.02 -19.48
N THR B 154 -18.96 -11.71 -18.40
CA THR B 154 -18.90 -11.08 -17.09
C THR B 154 -17.93 -9.95 -17.07
N THR B 155 -16.71 -10.17 -17.51
CA THR B 155 -15.68 -9.18 -17.33
C THR B 155 -15.86 -7.93 -18.21
N PRO B 161 -23.43 -4.71 -15.24
CA PRO B 161 -22.96 -4.29 -13.85
C PRO B 161 -21.88 -5.21 -13.23
N ASP B 162 -21.86 -6.44 -13.67
CA ASP B 162 -20.92 -7.41 -13.20
C ASP B 162 -19.49 -7.03 -13.57
N GLY B 163 -19.29 -6.40 -14.73
CA GLY B 163 -17.94 -6.08 -15.20
C GLY B 163 -17.33 -5.14 -14.18
N TYR B 164 -18.10 -4.13 -13.81
CA TYR B 164 -17.60 -3.08 -12.91
C TYR B 164 -17.47 -3.61 -11.47
N VAL B 165 -18.46 -4.33 -10.97
CA VAL B 165 -18.39 -4.84 -9.60
C VAL B 165 -17.21 -5.79 -9.46
N SER B 166 -16.99 -6.68 -10.43
CA SER B 166 -15.93 -7.63 -10.32
C SER B 166 -14.60 -6.92 -10.47
N TRP B 167 -14.55 -5.85 -11.28
CA TRP B 167 -13.34 -5.02 -11.37
C TRP B 167 -13.03 -4.37 -10.00
N VAL B 168 -14.01 -3.76 -9.37
CA VAL B 168 -13.82 -3.15 -8.04
C VAL B 168 -13.30 -4.20 -7.04
N LEU B 169 -13.91 -5.37 -7.05
CA LEU B 169 -13.55 -6.43 -6.10
C LEU B 169 -12.16 -7.00 -6.35
N ALA B 170 -11.62 -6.78 -7.57
CA ALA B 170 -10.27 -7.10 -7.94
C ALA B 170 -9.21 -6.07 -7.63
N GLN B 171 -9.61 -4.86 -7.23
CA GLN B 171 -8.61 -3.82 -6.93
C GLN B 171 -8.05 -4.08 -5.53
N SER B 172 -6.77 -3.83 -5.36
CA SER B 172 -6.07 -4.26 -4.14
C SER B 172 -6.60 -3.56 -2.85
N GLY B 173 -7.03 -2.32 -2.97
CA GLY B 173 -7.57 -1.57 -1.84
C GLY B 173 -8.88 -2.08 -1.30
N THR B 174 -9.54 -2.93 -2.07
CA THR B 174 -10.80 -3.51 -1.63
C THR B 174 -10.56 -4.48 -0.45
N ILE B 175 -9.36 -5.07 -0.40
CA ILE B 175 -9.04 -6.03 0.71
C ILE B 175 -9.11 -5.37 2.07
N PRO B 176 -8.21 -4.40 2.35
CA PRO B 176 -8.31 -3.81 3.69
C PRO B 176 -9.59 -3.07 3.98
N THR B 177 -10.16 -2.41 2.96
CA THR B 177 -11.36 -1.67 3.17
C THR B 177 -12.54 -2.54 3.46
N MET B 178 -12.64 -3.69 2.82
CA MET B 178 -13.68 -4.67 3.09
C MET B 178 -13.55 -5.17 4.52
N VAL B 179 -12.33 -5.38 5.00
CA VAL B 179 -12.10 -5.70 6.41
C VAL B 179 -12.63 -4.62 7.33
N SER B 180 -12.20 -3.35 7.10
CA SER B 180 -12.67 -2.23 7.90
C SER B 180 -14.17 -2.14 7.94
N HIS B 181 -14.79 -2.22 6.75
CA HIS B 181 -16.24 -2.02 6.64
C HIS B 181 -16.98 -3.15 7.41
N LYS B 182 -16.56 -4.39 7.20
CA LYS B 182 -17.26 -5.55 7.78
C LYS B 182 -16.97 -5.77 9.26
N LEU B 183 -15.83 -5.32 9.77
CA LEU B 183 -15.51 -5.42 11.19
C LEU B 183 -15.86 -4.20 12.00
N GLY B 184 -16.12 -3.07 11.34
CA GLY B 184 -16.46 -1.86 12.08
C GLY B 184 -15.31 -1.01 12.52
N LEU B 185 -14.29 -0.97 11.67
CA LEU B 185 -13.03 -0.28 12.03
C LEU B 185 -12.89 1.03 11.29
N LYS B 186 -12.37 2.07 11.97
CA LYS B 186 -12.34 3.46 11.41
C LYS B 186 -11.00 4.07 11.25
N GLY B 187 -9.92 3.33 11.61
CA GLY B 187 -8.61 3.91 11.43
C GLY B 187 -8.25 3.89 9.92
N PRO B 188 -7.11 4.46 9.57
CA PRO B 188 -6.68 4.31 8.18
C PRO B 188 -6.64 2.86 7.72
N SER B 189 -7.03 2.63 6.45
CA SER B 189 -7.19 1.30 5.89
C SER B 189 -6.70 1.28 4.46
N TYR B 190 -5.61 0.55 4.23
CA TYR B 190 -5.02 0.47 2.86
C TYR B 190 -4.11 -0.68 2.64
N PHE B 191 -3.89 -0.95 1.38
CA PHE B 191 -3.07 -2.06 0.94
C PHE B 191 -1.65 -1.60 0.75
N VAL B 192 -0.68 -2.43 1.12
CA VAL B 192 0.72 -2.14 0.96
C VAL B 192 1.46 -3.31 0.33
N HIS B 193 2.43 -2.97 -0.54
CA HIS B 193 3.17 -4.07 -1.20
C HIS B 193 4.60 -3.66 -1.58
N SER B 194 5.55 -4.56 -1.28
CA SER B 194 6.94 -4.42 -1.60
C SER B 194 7.53 -5.80 -1.96
N ASN B 195 6.74 -6.58 -2.68
CA ASN B 195 7.06 -7.94 -3.02
C ASN B 195 7.31 -8.78 -1.75
N CYS B 196 8.42 -9.49 -1.64
CA CYS B 196 8.64 -10.37 -0.48
C CYS B 196 8.62 -9.76 0.86
N SER B 197 8.88 -8.47 0.95
CA SER B 197 8.98 -7.85 2.26
C SER B 197 7.63 -7.23 2.70
N SER B 198 6.61 -7.44 1.91
CA SER B 198 5.34 -6.75 2.08
C SER B 198 4.75 -6.80 3.51
N SER B 199 4.74 -7.97 4.12
CA SER B 199 4.21 -8.16 5.46
C SER B 199 4.86 -7.25 6.46
N LEU B 200 6.14 -7.06 6.28
CA LEU B 200 6.88 -6.21 7.16
C LEU B 200 6.58 -4.71 6.90
N VAL B 201 6.32 -4.33 5.64
CA VAL B 201 5.79 -2.98 5.42
C VAL B 201 4.44 -2.78 6.16
N GLY B 202 3.61 -3.83 6.15
CA GLY B 202 2.36 -3.84 6.95
C GLY B 202 2.63 -3.64 8.42
N LEU B 203 3.62 -4.38 8.93
CA LEU B 203 3.97 -4.30 10.32
C LEU B 203 4.53 -2.93 10.68
N TYR B 204 5.34 -2.36 9.78
CA TYR B 204 5.88 -1.01 9.93
C TYR B 204 4.75 0.00 9.98
N SER B 205 3.76 -0.17 9.11
CA SER B 205 2.66 0.78 9.04
C SER B 205 1.85 0.74 10.36
N ALA B 206 1.64 -0.46 10.90
CA ALA B 206 0.99 -0.63 12.17
C ALA B 206 1.77 0.01 13.29
N TYR B 207 3.07 -0.24 13.33
CA TYR B 207 3.95 0.34 14.35
C TYR B 207 3.85 1.85 14.38
N LYS B 208 3.94 2.45 13.20
CA LYS B 208 3.88 3.90 13.10
C LYS B 208 2.51 4.44 13.55
N SER B 209 1.45 3.82 13.11
CA SER B 209 0.08 4.32 13.38
C SER B 209 -0.22 4.23 14.85
N ILE B 210 0.22 3.13 15.47
CA ILE B 210 -0.09 2.95 16.89
C ILE B 210 0.81 3.84 17.77
N THR B 211 2.10 3.86 17.50
CA THR B 211 3.02 4.65 18.39
C THR B 211 2.75 6.16 18.29
N SER B 212 2.25 6.63 17.12
CA SER B 212 1.89 8.01 16.97
C SER B 212 0.57 8.38 17.60
N GLY B 213 -0.24 7.43 18.08
CA GLY B 213 -1.56 7.75 18.60
C GLY B 213 -2.65 7.87 17.53
N GLU B 214 -2.29 7.58 16.26
CA GLU B 214 -3.32 7.66 15.20
C GLU B 214 -4.41 6.63 15.44
N SER B 215 -4.02 5.40 15.89
CA SER B 215 -4.97 4.37 16.21
C SER B 215 -4.46 3.67 17.49
N GLU B 216 -5.38 2.95 18.12
CA GLU B 216 -5.04 2.09 19.30
C GLU B 216 -4.63 0.71 18.93
N TYR B 217 -5.18 0.18 17.85
CA TYR B 217 -4.95 -1.12 17.36
C TYR B 217 -4.60 -1.06 15.86
N ALA B 218 -4.14 -2.19 15.32
CA ALA B 218 -4.00 -2.36 13.91
C ALA B 218 -4.03 -3.80 13.57
N LEU B 219 -4.71 -4.09 12.48
CA LEU B 219 -4.61 -5.36 11.79
C LEU B 219 -3.59 -5.33 10.70
N VAL B 220 -2.74 -6.38 10.67
CA VAL B 220 -1.74 -6.56 9.61
C VAL B 220 -1.93 -7.91 9.01
N GLY B 221 -2.22 -7.97 7.72
CA GLY B 221 -2.44 -9.21 7.01
C GLY B 221 -1.58 -9.39 5.78
N GLY B 222 -1.32 -10.64 5.42
CA GLY B 222 -0.64 -10.98 4.17
C GLY B 222 -1.12 -12.32 3.70
N ALA B 223 -1.35 -12.42 2.40
CA ALA B 223 -1.68 -13.72 1.80
C ALA B 223 -1.23 -13.80 0.33
N THR B 224 -0.44 -14.82 0.00
CA THR B 224 -0.17 -15.12 -1.42
C THR B 224 -0.80 -16.48 -1.74
N LEU B 225 -1.91 -16.42 -2.44
CA LEU B 225 -2.69 -17.58 -2.83
C LEU B 225 -2.88 -17.54 -4.34
N HIS B 226 -2.26 -18.49 -5.04
CA HIS B 226 -2.33 -18.51 -6.51
C HIS B 226 -3.71 -18.95 -6.92
N ALA B 227 -4.13 -18.52 -8.11
CA ALA B 227 -5.48 -18.82 -8.57
C ALA B 227 -5.53 -20.15 -9.34
N ALA B 228 -4.58 -21.01 -9.10
CA ALA B 228 -4.49 -22.31 -9.75
C ALA B 228 -3.85 -23.21 -8.73
N THR B 229 -4.01 -24.51 -8.91
CA THR B 229 -3.17 -25.50 -8.23
C THR B 229 -2.18 -26.03 -9.26
N SER B 230 -0.92 -25.65 -9.11
CA SER B 230 0.12 -26.05 -10.03
C SER B 230 1.22 -26.82 -9.28
N ILE B 231 1.17 -28.12 -9.36
CA ILE B 231 2.13 -28.95 -8.64
C ILE B 231 3.53 -28.84 -9.26
N GLY B 232 4.52 -28.57 -8.42
CA GLY B 232 5.88 -28.60 -8.83
C GLY B 232 6.29 -27.50 -9.75
N TYR B 233 7.54 -27.59 -10.18
CA TYR B 233 8.14 -26.66 -11.11
C TYR B 233 9.32 -27.37 -11.78
N VAL B 234 9.87 -26.76 -12.82
CA VAL B 234 11.10 -27.26 -13.46
C VAL B 234 12.32 -26.44 -13.06
N HIS B 235 13.26 -27.09 -12.42
CA HIS B 235 14.48 -26.47 -11.95
C HIS B 235 15.35 -26.15 -13.16
N GLN B 236 15.89 -24.94 -13.23
CA GLN B 236 16.67 -24.50 -14.41
C GLN B 236 17.56 -23.29 -14.17
N ASN B 237 18.57 -23.14 -15.03
CA ASN B 237 19.52 -22.00 -14.98
C ASN B 237 18.98 -20.63 -14.64
N GLY B 238 18.05 -20.13 -15.44
CA GLY B 238 17.64 -18.74 -15.30
C GLY B 238 16.85 -18.40 -14.02
N LEU B 239 16.70 -19.36 -13.09
CA LEU B 239 15.85 -19.17 -11.90
C LEU B 239 16.60 -19.62 -10.65
N ASN B 240 16.47 -18.93 -9.52
CA ASN B 240 17.15 -19.36 -8.30
C ASN B 240 16.08 -20.08 -7.45
N PHE B 241 15.72 -21.25 -7.94
CA PHE B 241 14.84 -22.16 -7.27
C PHE B 241 15.61 -23.44 -6.92
N SER B 242 15.32 -23.97 -5.75
CA SER B 242 15.90 -25.23 -5.21
C SER B 242 15.89 -26.39 -6.19
N SER B 243 17.00 -27.10 -6.23
CA SER B 243 17.11 -28.31 -7.09
C SER B 243 16.22 -29.45 -6.64
N ASP B 244 15.78 -29.47 -5.40
CA ASP B 244 14.99 -30.60 -4.94
C ASP B 244 13.73 -30.20 -4.13
N GLY B 245 13.34 -28.92 -4.17
CA GLY B 245 12.06 -28.53 -3.54
C GLY B 245 12.15 -28.21 -2.08
N HIS B 246 13.31 -28.45 -1.51
CA HIS B 246 13.60 -28.08 -0.14
C HIS B 246 14.30 -26.74 -0.08
N VAL B 247 13.94 -25.97 0.94
CA VAL B 247 14.72 -24.81 1.33
C VAL B 247 15.77 -25.29 2.35
N LYS B 248 17.02 -25.00 2.08
CA LYS B 248 18.14 -25.47 2.85
C LYS B 248 18.87 -24.25 3.28
N ALA B 249 18.30 -23.52 4.24
CA ALA B 249 18.84 -22.23 4.62
C ALA B 249 20.08 -22.42 5.46
N PHE B 250 21.10 -21.65 5.07
CA PHE B 250 22.40 -21.64 5.70
C PHE B 250 23.20 -22.91 5.48
N ASP B 251 22.65 -23.86 4.77
CA ASP B 251 23.32 -25.18 4.61
C ASP B 251 24.32 -25.11 3.44
N ALA B 252 25.37 -25.96 3.46
CA ALA B 252 26.23 -26.17 2.31
C ALA B 252 25.48 -26.52 1.06
N SER B 253 24.39 -27.23 1.19
CA SER B 253 23.59 -27.68 0.08
C SER B 253 22.55 -26.69 -0.50
N ALA B 254 22.55 -25.47 -0.04
CA ALA B 254 21.54 -24.50 -0.42
C ALA B 254 21.67 -24.08 -1.89
N ASP B 255 20.75 -24.46 -2.73
CA ASP B 255 20.82 -24.04 -4.12
C ASP B 255 19.56 -23.39 -4.68
N GLY B 256 18.83 -22.64 -3.86
CA GLY B 256 17.69 -21.87 -4.38
C GLY B 256 16.45 -21.99 -3.47
N MET B 257 15.51 -21.09 -3.70
CA MET B 257 14.32 -21.01 -2.86
C MET B 257 13.26 -21.93 -3.39
N ALA B 258 12.15 -21.98 -2.66
CA ALA B 258 10.92 -22.62 -3.12
C ALA B 258 9.74 -21.89 -2.42
N GLY B 259 8.68 -21.72 -3.16
CA GLY B 259 7.51 -20.98 -2.74
C GLY B 259 6.55 -21.80 -1.91
N GLY B 260 5.70 -21.09 -1.18
CA GLY B 260 4.59 -21.71 -0.49
C GLY B 260 3.48 -20.67 -0.43
N GLU B 261 2.28 -21.15 -0.12
CA GLU B 261 1.08 -20.33 -0.01
C GLU B 261 0.44 -20.43 1.32
N GLY B 262 -0.03 -19.29 1.81
CA GLY B 262 -0.77 -19.21 3.07
C GLY B 262 -1.34 -17.80 3.32
N ALA B 263 -2.01 -17.66 4.43
CA ALA B 263 -2.69 -16.45 4.87
C ALA B 263 -2.56 -16.27 6.36
N ALA B 264 -2.28 -15.05 6.76
CA ALA B 264 -2.19 -14.71 8.17
C ALA B 264 -2.62 -13.26 8.43
N VAL B 265 -3.25 -13.05 9.57
CA VAL B 265 -3.53 -11.71 10.06
C VAL B 265 -3.19 -11.64 11.54
N ILE B 266 -2.56 -10.55 11.98
CA ILE B 266 -2.38 -10.33 13.43
C ILE B 266 -2.94 -9.01 13.87
N LEU B 267 -3.28 -8.93 15.15
CA LEU B 267 -3.79 -7.74 15.76
C LEU B 267 -2.77 -7.23 16.71
N LEU B 268 -2.39 -5.97 16.51
CA LEU B 268 -1.45 -5.24 17.37
C LEU B 268 -2.19 -4.18 18.12
N LYS B 269 -1.62 -3.76 19.24
CA LYS B 269 -2.22 -2.81 20.15
C LYS B 269 -1.13 -2.00 20.87
N LYS B 270 -1.45 -0.74 21.12
CA LYS B 270 -0.64 0.13 21.95
C LYS B 270 -0.20 -0.66 23.23
N ALA B 271 1.09 -0.71 23.45
CA ALA B 271 1.63 -1.65 24.47
C ALA B 271 1.14 -1.33 25.86
N SER B 272 1.23 -0.09 26.28
CA SER B 272 0.81 0.32 27.64
C SER B 272 -0.69 0.04 27.87
N GLN B 273 -1.49 0.13 26.83
CA GLN B 273 -2.91 -0.13 26.92
C GLN B 273 -3.20 -1.62 26.98
N ALA B 274 -2.50 -2.41 26.18
CA ALA B 274 -2.64 -3.84 26.29
C ALA B 274 -2.32 -4.35 27.76
N VAL B 275 -1.23 -3.85 28.32
CA VAL B 275 -0.82 -4.22 29.70
C VAL B 275 -1.87 -3.79 30.69
N GLN B 276 -2.30 -2.56 30.57
CA GLN B 276 -3.37 -2.01 31.43
C GLN B 276 -4.65 -2.81 31.35
N ASP B 277 -5.05 -3.23 30.15
CA ASP B 277 -6.25 -3.98 29.98
C ASP B 277 -6.16 -5.46 30.29
N GLY B 278 -4.98 -5.96 30.64
CA GLY B 278 -4.79 -7.36 30.91
C GLY B 278 -4.90 -8.28 29.76
N ASP B 279 -4.47 -7.84 28.58
CA ASP B 279 -4.58 -8.68 27.39
C ASP B 279 -3.63 -9.85 27.39
N HIS B 280 -3.93 -10.82 26.57
CA HIS B 280 -3.09 -11.92 26.33
C HIS B 280 -2.11 -11.45 25.26
N ILE B 281 -0.87 -11.23 25.66
CA ILE B 281 0.18 -10.66 24.79
C ILE B 281 1.16 -11.73 24.38
N TYR B 282 1.29 -11.99 23.08
CA TYR B 282 2.28 -12.94 22.62
C TYR B 282 3.75 -12.45 22.74
N ALA B 283 3.96 -11.19 22.37
CA ALA B 283 5.28 -10.59 22.38
C ALA B 283 5.12 -9.08 22.09
N MET B 284 6.17 -8.31 22.31
CA MET B 284 6.21 -6.90 22.01
C MET B 284 7.02 -6.61 20.75
N LEU B 285 6.56 -5.70 19.92
CA LEU B 285 7.38 -5.23 18.84
C LEU B 285 7.98 -3.91 19.28
N ARG B 286 9.32 -3.83 19.30
CA ARG B 286 10.00 -2.69 19.92
C ARG B 286 10.42 -1.66 18.83
N GLY B 287 10.57 -2.09 17.60
CA GLY B 287 10.97 -1.15 16.51
C GLY B 287 11.15 -1.88 15.20
N ILE B 288 11.20 -1.10 14.12
CA ILE B 288 11.18 -1.62 12.80
C ILE B 288 11.58 -0.49 11.86
N GLY B 289 12.24 -0.84 10.78
CA GLY B 289 12.70 0.12 9.78
C GLY B 289 12.76 -0.49 8.40
N LEU B 290 12.74 0.40 7.39
CA LEU B 290 12.72 0.07 5.99
C LEU B 290 13.74 0.87 5.23
N ASN B 291 14.22 0.32 4.13
CA ASN B 291 14.96 1.10 3.13
C ASN B 291 14.81 0.48 1.80
N ASN B 292 15.55 1.00 0.79
CA ASN B 292 15.66 0.31 -0.50
C ASN B 292 17.14 0.28 -0.92
N ASP B 293 17.50 -0.78 -1.63
CA ASP B 293 18.88 -0.94 -2.05
C ASP B 293 19.29 0.14 -3.04
N GLY B 294 18.32 0.72 -3.77
CA GLY B 294 18.66 1.66 -4.83
C GLY B 294 19.39 0.98 -5.98
N ALA B 295 20.35 1.74 -6.52
CA ALA B 295 21.08 1.31 -7.71
C ALA B 295 22.36 0.53 -7.36
N ASP B 296 22.74 0.51 -6.09
CA ASP B 296 24.07 0.11 -5.67
C ASP B 296 24.19 -1.42 -5.56
N LYS B 297 24.06 -2.10 -6.69
CA LYS B 297 24.08 -3.54 -6.79
C LYS B 297 24.01 -3.94 -8.24
N VAL B 298 24.26 -5.20 -8.56
CA VAL B 298 24.33 -5.59 -9.96
C VAL B 298 23.07 -6.28 -10.31
N GLY B 299 22.12 -5.52 -10.80
CA GLY B 299 20.82 -6.02 -11.18
C GLY B 299 19.63 -5.90 -10.25
N PHE B 300 18.46 -5.79 -10.89
CA PHE B 300 17.19 -5.55 -10.20
C PHE B 300 16.79 -6.70 -9.27
N TYR B 301 17.11 -7.93 -9.69
CA TYR B 301 16.73 -9.13 -8.97
C TYR B 301 17.77 -9.61 -8.00
N ALA B 302 18.86 -8.89 -7.85
CA ALA B 302 19.92 -9.32 -6.98
C ALA B 302 19.71 -8.89 -5.56
N PRO B 303 20.33 -9.60 -4.62
CA PRO B 303 20.39 -9.17 -3.23
C PRO B 303 21.45 -8.06 -3.02
N SER B 304 21.49 -7.44 -1.86
CA SER B 304 22.46 -6.39 -1.58
C SER B 304 22.97 -6.43 -0.16
N VAL B 305 24.26 -6.68 0.01
CA VAL B 305 24.76 -6.65 1.39
C VAL B 305 24.66 -5.25 1.99
N LYS B 306 24.86 -4.20 1.17
CA LYS B 306 24.88 -2.86 1.72
C LYS B 306 23.52 -2.43 2.19
N GLY B 307 22.49 -2.72 1.42
CA GLY B 307 21.12 -2.38 1.84
C GLY B 307 20.69 -3.09 3.12
N GLN B 308 21.10 -4.36 3.26
CA GLN B 308 20.77 -5.13 4.47
C GLN B 308 21.50 -4.57 5.64
N THR B 309 22.82 -4.32 5.46
CA THR B 309 23.57 -3.75 6.49
C THR B 309 22.93 -2.47 7.02
N ASP B 310 22.60 -1.55 6.09
CA ASP B 310 22.10 -0.27 6.52
C ASP B 310 20.75 -0.36 7.22
N VAL B 311 19.87 -1.26 6.84
CA VAL B 311 18.53 -1.28 7.49
C VAL B 311 18.64 -1.87 8.87
N ILE B 312 19.54 -2.84 9.03
CA ILE B 312 19.80 -3.40 10.38
C ILE B 312 20.33 -2.31 11.24
N GLN B 313 21.34 -1.57 10.74
CA GLN B 313 21.95 -0.50 11.50
C GLN B 313 20.89 0.55 11.87
N HIS B 314 20.05 0.92 10.90
CA HIS B 314 18.93 1.90 11.13
C HIS B 314 18.00 1.50 12.30
N VAL B 315 17.68 0.22 12.38
CA VAL B 315 16.81 -0.30 13.43
C VAL B 315 17.48 -0.38 14.79
N LEU B 316 18.76 -0.75 14.80
CA LEU B 316 19.52 -0.62 16.04
C LEU B 316 19.58 0.80 16.53
N ASP B 317 19.75 1.77 15.64
CA ASP B 317 19.85 3.17 16.08
C ASP B 317 18.47 3.69 16.55
N SER B 318 17.40 3.33 15.89
CA SER B 318 16.10 3.84 16.33
C SER B 318 15.66 3.21 17.64
N THR B 319 16.00 1.95 17.88
CA THR B 319 15.54 1.28 19.11
C THR B 319 16.50 1.44 20.26
N ASN B 320 17.76 1.70 19.94
CA ASN B 320 18.79 1.73 20.96
C ASN B 320 18.91 0.45 21.73
N ILE B 321 18.65 -0.66 21.06
CA ILE B 321 18.75 -1.98 21.67
C ILE B 321 20.10 -2.55 21.29
N HIS B 322 20.81 -3.05 22.27
CA HIS B 322 22.21 -3.46 22.03
C HIS B 322 22.19 -4.87 21.51
N PRO B 323 22.94 -5.16 20.40
CA PRO B 323 22.97 -6.46 19.80
C PRO B 323 23.35 -7.65 20.74
N GLU B 324 24.01 -7.38 21.86
CA GLU B 324 24.27 -8.45 22.84
C GLU B 324 22.99 -8.99 23.50
N THR B 325 21.88 -8.24 23.44
CA THR B 325 20.65 -8.66 24.10
C THR B 325 19.73 -9.45 23.18
N ILE B 326 20.13 -9.63 21.94
CA ILE B 326 19.32 -10.39 20.95
C ILE B 326 19.71 -11.83 21.04
N SER B 327 18.73 -12.74 21.24
CA SER B 327 18.97 -14.16 21.46
C SER B 327 18.70 -14.96 20.23
N TYR B 328 17.99 -14.39 19.23
CA TYR B 328 17.57 -15.13 18.10
C TYR B 328 17.22 -14.15 16.96
N ILE B 329 17.53 -14.57 15.76
CA ILE B 329 17.17 -13.83 14.53
C ILE B 329 16.48 -14.79 13.62
N GLU B 330 15.22 -14.42 13.27
CA GLU B 330 14.50 -15.05 12.17
C GLU B 330 14.92 -14.36 10.90
N ALA B 331 15.79 -15.04 10.15
CA ALA B 331 16.34 -14.54 8.90
C ALA B 331 15.34 -14.51 7.78
N HIS B 332 15.61 -13.68 6.73
CA HIS B 332 14.91 -13.78 5.48
C HIS B 332 15.13 -15.21 4.98
N GLY B 333 16.36 -15.67 4.99
CA GLY B 333 16.60 -17.13 4.99
C GLY B 333 15.99 -17.92 3.87
N THR B 334 16.29 -17.52 2.64
CA THR B 334 15.69 -18.11 1.50
C THR B 334 16.40 -19.36 1.00
N GLY B 335 17.65 -19.60 1.43
CA GLY B 335 18.38 -20.79 0.94
C GLY B 335 18.93 -20.69 -0.47
N THR B 336 19.09 -19.47 -0.98
CA THR B 336 19.83 -19.27 -2.25
C THR B 336 21.35 -19.31 -2.00
N THR B 337 22.07 -19.74 -3.04
CA THR B 337 23.53 -19.85 -2.92
C THR B 337 24.17 -18.50 -2.61
N LEU B 338 23.69 -17.42 -3.25
CA LEU B 338 24.26 -16.09 -2.99
C LEU B 338 23.60 -15.33 -1.83
N GLY B 339 22.30 -15.52 -1.65
CA GLY B 339 21.56 -14.78 -0.62
C GLY B 339 21.96 -15.13 0.83
N ASP B 340 22.14 -16.41 1.15
CA ASP B 340 22.42 -16.77 2.56
C ASP B 340 23.72 -16.19 3.05
N PRO B 341 24.81 -16.32 2.23
CA PRO B 341 26.03 -15.66 2.73
C PRO B 341 25.96 -14.16 2.84
N ILE B 342 25.21 -13.53 1.94
CA ILE B 342 25.02 -12.08 2.00
C ILE B 342 24.31 -11.68 3.28
N GLU B 343 23.26 -12.43 3.60
CA GLU B 343 22.51 -12.13 4.84
C GLU B 343 23.41 -12.22 6.06
N MET B 344 24.19 -13.30 6.19
CA MET B 344 25.04 -13.38 7.38
C MET B 344 26.16 -12.34 7.39
N SER B 345 26.70 -12.02 6.19
CA SER B 345 27.77 -11.01 6.08
C SER B 345 27.26 -9.66 6.59
N ALA B 346 26.03 -9.30 6.18
CA ALA B 346 25.45 -8.03 6.69
C ALA B 346 25.26 -8.01 8.19
N LEU B 347 24.68 -9.08 8.75
CA LEU B 347 24.53 -9.14 10.22
C LEU B 347 25.87 -9.10 10.98
N GLN B 348 26.83 -9.85 10.50
CA GLN B 348 28.16 -9.91 11.15
C GLN B 348 28.87 -8.56 11.10
N GLN B 349 28.79 -7.90 9.94
CA GLN B 349 29.40 -6.56 9.79
C GLN B 349 28.82 -5.59 10.75
N VAL B 350 27.46 -5.55 10.87
CA VAL B 350 26.86 -4.66 11.83
C VAL B 350 27.12 -5.03 13.28
N TYR B 351 26.94 -6.28 13.65
CA TYR B 351 27.10 -6.64 15.07
C TYR B 351 28.57 -6.45 15.51
N LYS B 352 29.50 -6.60 14.60
CA LYS B 352 30.91 -6.36 14.92
C LYS B 352 31.17 -4.96 15.44
N ARG B 353 30.38 -4.00 15.01
CA ARG B 353 30.43 -2.64 15.54
C ARG B 353 30.15 -2.50 17.03
N TYR B 354 29.53 -3.52 17.61
CA TYR B 354 29.00 -3.46 18.93
C TYR B 354 29.58 -4.47 19.90
N THR B 355 30.05 -5.58 19.38
CA THR B 355 30.44 -6.67 20.26
C THR B 355 31.40 -7.63 19.62
N ASP B 356 32.16 -8.31 20.48
CA ASP B 356 32.98 -9.48 20.11
C ASP B 356 32.52 -10.75 20.80
N ARG B 357 31.39 -10.72 21.49
CA ARG B 357 30.83 -11.94 22.11
C ARG B 357 30.45 -12.98 21.08
N GLU B 358 30.62 -14.27 21.41
CA GLU B 358 30.49 -15.29 20.41
C GLU B 358 29.37 -16.28 20.72
N GLN B 359 28.76 -16.80 19.66
CA GLN B 359 27.80 -17.89 19.78
C GLN B 359 26.68 -17.69 20.79
N TYR B 360 26.12 -16.48 20.87
CA TYR B 360 25.06 -16.21 21.83
C TYR B 360 23.67 -16.05 21.15
N CYS B 361 23.65 -15.96 19.83
CA CYS B 361 22.44 -15.56 19.09
C CYS B 361 22.20 -16.56 17.96
N GLY B 362 21.04 -17.20 18.02
CA GLY B 362 20.65 -18.15 17.04
C GLY B 362 20.09 -17.54 15.80
N ILE B 363 20.14 -18.29 14.70
CA ILE B 363 19.71 -17.93 13.38
C ILE B 363 18.90 -19.05 12.77
N GLY B 364 17.76 -18.71 12.20
CA GLY B 364 16.97 -19.68 11.51
C GLY B 364 16.00 -19.09 10.51
N SER B 365 15.27 -19.96 9.84
CA SER B 365 14.29 -19.54 8.87
C SER B 365 13.12 -20.51 8.78
N VAL B 366 11.93 -19.97 9.03
CA VAL B 366 10.71 -20.71 8.80
C VAL B 366 10.42 -21.12 7.35
N LYS B 367 11.13 -20.53 6.39
CA LYS B 367 10.96 -20.93 5.02
C LYS B 367 11.43 -22.39 4.87
N THR B 368 12.28 -22.83 5.79
CA THR B 368 12.70 -24.26 5.74
C THR B 368 11.51 -25.16 5.94
N ASN B 369 10.60 -24.78 6.83
CA ASN B 369 9.39 -25.58 7.12
C ASN B 369 8.34 -25.53 6.03
N ILE B 370 8.07 -24.28 5.50
CA ILE B 370 6.84 -24.10 4.68
C ILE B 370 7.02 -23.40 3.33
N GLY B 371 8.30 -23.14 2.99
CA GLY B 371 8.61 -22.44 1.76
C GLY B 371 8.53 -20.94 1.99
N HIS B 372 8.77 -20.21 0.91
CA HIS B 372 8.74 -18.75 0.86
C HIS B 372 7.32 -18.33 0.56
N LEU B 373 6.65 -17.76 1.55
CA LEU B 373 5.21 -17.44 1.40
C LEU B 373 4.91 -16.05 0.76
N ASP B 374 5.96 -15.46 0.15
CA ASP B 374 5.81 -14.20 -0.65
C ASP B 374 5.25 -13.05 0.26
N THR B 375 4.03 -12.57 -0.03
CA THR B 375 3.48 -11.47 0.78
C THR B 375 3.24 -11.85 2.23
N ALA B 376 3.08 -13.14 2.51
CA ALA B 376 2.90 -13.65 3.86
C ALA B 376 4.20 -14.11 4.53
N ALA B 377 5.34 -14.04 3.83
CA ALA B 377 6.56 -14.49 4.41
C ALA B 377 6.97 -13.79 5.70
N GLY B 378 6.85 -12.49 5.73
CA GLY B 378 7.22 -11.75 6.87
C GLY B 378 6.32 -12.05 8.06
N LEU B 379 5.03 -12.26 7.82
CA LEU B 379 4.13 -12.62 8.92
C LEU B 379 4.36 -14.04 9.43
N ALA B 380 4.70 -14.98 8.54
CA ALA B 380 5.11 -16.32 9.02
C ALA B 380 6.31 -16.22 9.91
N GLY B 381 7.28 -15.39 9.53
CA GLY B 381 8.42 -15.16 10.40
C GLY B 381 8.09 -14.50 11.71
N CYS B 382 7.26 -13.45 11.63
CA CYS B 382 6.80 -12.75 12.82
C CYS B 382 6.09 -13.72 13.78
N ILE B 383 5.23 -14.59 13.26
CA ILE B 383 4.43 -15.45 14.10
C ILE B 383 5.37 -16.48 14.76
N LYS B 384 6.33 -16.98 13.99
CA LYS B 384 7.38 -17.85 14.62
C LYS B 384 8.07 -17.16 15.78
N VAL B 385 8.49 -15.92 15.57
CA VAL B 385 9.20 -15.18 16.57
C VAL B 385 8.35 -14.98 17.79
N ALA B 386 7.13 -14.53 17.55
CA ALA B 386 6.24 -14.17 18.66
C ALA B 386 5.94 -15.41 19.49
N MET B 387 5.71 -16.55 18.85
CA MET B 387 5.41 -17.77 19.60
C MET B 387 6.66 -18.32 20.37
N SER B 388 7.86 -18.10 19.79
CA SER B 388 9.13 -18.51 20.40
C SER B 388 9.29 -17.76 21.68
N LEU B 389 9.09 -16.46 21.62
CA LEU B 389 9.20 -15.61 22.76
C LEU B 389 8.14 -15.93 23.80
N TYR B 390 6.91 -16.16 23.32
CA TYR B 390 5.78 -16.48 24.21
C TYR B 390 6.04 -17.79 25.00
N HIS B 391 6.56 -18.78 24.32
CA HIS B 391 6.84 -20.12 24.92
C HIS B 391 8.22 -20.27 25.49
N ARG B 392 9.01 -19.20 25.43
CA ARG B 392 10.37 -19.12 25.93
C ARG B 392 11.20 -20.24 25.37
N GLU B 393 11.09 -20.48 24.08
CA GLU B 393 11.81 -21.53 23.44
C GLU B 393 12.07 -21.20 22.00
N LEU B 394 13.23 -21.54 21.48
CA LEU B 394 13.46 -21.52 20.05
C LEU B 394 13.08 -22.80 19.43
N ALA B 395 12.53 -22.72 18.23
CA ALA B 395 12.20 -23.85 17.42
C ALA B 395 13.32 -24.01 16.37
N PRO B 396 13.57 -25.24 15.94
CA PRO B 396 14.68 -25.40 15.02
C PRO B 396 14.40 -24.91 13.61
N THR B 397 15.48 -24.54 12.97
CA THR B 397 15.51 -24.41 11.53
C THR B 397 15.92 -25.77 10.96
N ILE B 398 15.36 -26.15 9.82
CA ILE B 398 15.46 -27.47 9.32
C ILE B 398 16.16 -27.53 7.93
N ASN B 399 16.29 -28.73 7.43
CA ASN B 399 17.03 -29.01 6.23
C ASN B 399 18.47 -28.55 6.39
N TYR B 400 19.01 -28.60 7.60
CA TYR B 400 20.39 -28.22 7.84
C TYR B 400 21.26 -29.35 8.35
N THR B 401 22.34 -29.60 7.63
CA THR B 401 23.37 -30.61 7.97
C THR B 401 24.74 -30.01 8.25
N SER B 402 25.15 -29.08 7.41
CA SER B 402 26.46 -28.51 7.55
C SER B 402 26.49 -27.06 7.14
N PRO B 403 27.35 -26.24 7.73
CA PRO B 403 27.34 -24.83 7.42
C PRO B 403 27.83 -24.56 6.01
N ASN B 404 27.19 -23.60 5.35
CA ASN B 404 27.68 -23.11 4.06
C ASN B 404 29.13 -22.72 4.31
N PRO B 405 30.04 -23.32 3.54
CA PRO B 405 31.48 -22.96 3.73
C PRO B 405 31.85 -21.50 3.42
N ASN B 406 31.04 -20.78 2.66
CA ASN B 406 31.23 -19.33 2.57
C ASN B 406 30.87 -18.51 3.76
N ILE B 407 30.19 -19.08 4.75
CA ILE B 407 29.73 -18.36 5.89
C ILE B 407 30.56 -18.77 7.08
N LYS B 408 31.04 -17.79 7.80
CA LYS B 408 31.84 -18.01 8.97
C LYS B 408 31.09 -17.82 10.25
N PHE B 409 30.37 -18.83 10.69
CA PHE B 409 29.68 -18.79 11.97
C PHE B 409 30.64 -18.79 13.13
N SER B 410 31.68 -19.60 13.01
CA SER B 410 32.69 -19.74 14.07
C SER B 410 33.27 -18.43 14.46
N GLY B 411 33.24 -18.17 15.76
CA GLY B 411 33.84 -16.93 16.27
C GLY B 411 32.99 -15.71 16.01
N SER B 412 31.79 -15.90 15.43
CA SER B 412 30.85 -14.80 15.28
C SER B 412 29.83 -14.90 16.43
N PRO B 413 28.94 -13.89 16.52
CA PRO B 413 27.84 -13.94 17.48
C PRO B 413 26.87 -15.09 17.28
N PHE B 414 26.88 -15.68 16.10
CA PHE B 414 25.75 -16.47 15.62
C PHE B 414 26.00 -17.93 15.47
N TYR B 415 24.98 -18.72 15.81
CA TYR B 415 24.96 -20.17 15.51
C TYR B 415 23.69 -20.48 14.81
N VAL B 416 23.72 -21.51 14.01
CA VAL B 416 22.52 -21.93 13.33
C VAL B 416 21.65 -22.67 14.32
N ALA B 417 20.38 -22.21 14.54
CA ALA B 417 19.50 -22.77 15.60
C ALA B 417 18.80 -24.03 15.09
N ASP B 418 19.58 -25.11 14.93
CA ASP B 418 19.02 -26.33 14.36
C ASP B 418 18.42 -27.34 15.37
N LYS B 419 18.29 -26.91 16.59
CA LYS B 419 17.62 -27.67 17.64
C LYS B 419 16.64 -26.78 18.41
N ARG B 420 15.73 -27.42 19.15
CA ARG B 420 14.95 -26.71 20.17
C ARG B 420 15.87 -26.23 21.19
N LYS B 421 15.59 -25.05 21.71
CA LYS B 421 16.35 -24.49 22.78
C LYS B 421 15.54 -23.66 23.73
N THR B 422 15.61 -24.02 25.00
CA THR B 422 14.97 -23.23 26.03
C THR B 422 15.65 -21.89 26.20
N LEU B 423 14.87 -20.84 26.34
CA LEU B 423 15.42 -19.54 26.60
C LEU B 423 15.54 -19.47 28.10
N PRO B 424 16.78 -19.33 28.60
CA PRO B 424 17.05 -19.29 30.04
C PRO B 424 16.47 -18.07 30.70
N GLU B 425 15.99 -18.25 31.92
CA GLU B 425 15.71 -17.14 32.82
C GLU B 425 16.92 -16.23 32.86
N ARG B 426 16.68 -14.94 32.78
CA ARG B 426 17.73 -13.95 32.92
C ARG B 426 17.05 -12.64 33.27
N GLU B 427 17.81 -11.60 33.56
CA GLU B 427 17.23 -10.35 33.99
C GLU B 427 16.67 -9.53 32.84
N THR B 428 17.47 -9.29 31.79
CA THR B 428 16.98 -8.59 30.58
C THR B 428 15.96 -9.51 29.86
N PRO B 429 14.74 -9.00 29.50
CA PRO B 429 13.89 -9.85 28.62
C PRO B 429 14.64 -10.34 27.39
N HIS B 430 14.30 -11.53 26.92
CA HIS B 430 14.84 -12.03 25.67
C HIS B 430 14.33 -11.14 24.48
N ARG B 431 15.17 -10.98 23.46
CA ARG B 431 14.76 -10.21 22.24
C ARG B 431 15.09 -11.05 21.10
N ALA B 432 14.34 -10.85 20.01
CA ALA B 432 14.52 -11.61 18.80
C ALA B 432 14.31 -10.67 17.63
N ALA B 433 15.16 -10.74 16.63
CA ALA B 433 14.98 -9.87 15.41
C ALA B 433 14.41 -10.65 14.26
N LEU B 434 13.96 -9.92 13.22
CA LEU B 434 13.33 -10.52 12.07
C LEU B 434 13.71 -9.63 10.83
N SER B 435 14.08 -10.29 9.76
CA SER B 435 14.44 -9.70 8.48
C SER B 435 13.55 -10.15 7.35
N SER B 436 13.29 -9.23 6.44
CA SER B 436 12.63 -9.60 5.23
C SER B 436 13.11 -8.64 4.11
N PHE B 437 13.69 -9.21 3.07
CA PHE B 437 14.38 -8.49 1.97
C PHE B 437 13.66 -8.78 0.70
N GLY B 438 12.98 -7.79 0.17
CA GLY B 438 12.15 -8.03 -0.99
C GLY B 438 12.87 -7.96 -2.32
N LEU B 439 12.35 -8.70 -3.28
CA LEU B 439 12.75 -8.55 -4.63
C LEU B 439 12.38 -7.12 -5.08
N GLY B 440 13.37 -6.36 -5.56
CA GLY B 440 13.20 -4.91 -5.91
C GLY B 440 13.90 -4.10 -4.87
N GLY B 441 14.32 -4.73 -3.78
CA GLY B 441 15.23 -4.06 -2.87
C GLY B 441 14.71 -3.40 -1.64
N THR B 442 13.40 -3.50 -1.39
CA THR B 442 12.91 -2.92 -0.17
C THR B 442 13.12 -3.89 0.97
N ASN B 443 13.93 -3.47 1.87
CA ASN B 443 14.39 -4.27 3.07
C ASN B 443 13.72 -3.84 4.34
N ALA B 444 13.47 -4.81 5.24
CA ALA B 444 12.90 -4.53 6.51
C ALA B 444 13.60 -5.33 7.59
N HIS B 445 13.75 -4.71 8.72
CA HIS B 445 14.25 -5.41 9.96
C HIS B 445 13.45 -4.92 11.12
N ALA B 446 13.14 -5.83 12.07
CA ALA B 446 12.31 -5.56 13.20
C ALA B 446 12.88 -6.29 14.43
N ILE B 447 12.72 -5.66 15.57
CA ILE B 447 13.14 -6.23 16.85
C ILE B 447 11.94 -6.40 17.77
N PHE B 448 11.81 -7.61 18.31
CA PHE B 448 10.69 -8.01 19.19
C PHE B 448 11.29 -8.33 20.60
N GLU B 449 10.45 -8.26 21.62
CA GLU B 449 10.85 -8.52 23.00
C GLU B 449 9.81 -9.42 23.70
N GLN B 450 10.30 -10.39 24.50
CA GLN B 450 9.41 -11.16 25.34
C GLN B 450 8.65 -10.27 26.28
N TYR B 451 7.39 -10.59 26.56
CA TYR B 451 6.67 -9.99 27.64
C TYR B 451 6.18 -11.11 28.61
N GLU B 452 6.35 -10.95 29.91
CA GLU B 452 5.77 -11.94 30.87
C GLU B 452 4.69 -11.36 31.76
N ASP B 461 -8.93 -19.90 39.18
CA ASP B 461 -8.69 -18.92 40.26
C ASP B 461 -10.00 -18.31 40.74
N GLY B 462 -11.04 -18.57 39.95
CA GLY B 462 -12.39 -18.18 40.31
C GLY B 462 -12.93 -19.46 40.91
N GLN B 463 -14.19 -19.47 41.25
CA GLN B 463 -14.80 -20.69 41.69
C GLN B 463 -15.90 -21.09 40.73
N PRO B 464 -16.09 -22.42 40.58
CA PRO B 464 -17.11 -22.95 39.72
C PRO B 464 -18.50 -22.62 40.28
N PRO B 465 -19.56 -22.74 39.51
CA PRO B 465 -19.50 -23.15 38.14
C PRO B 465 -19.15 -21.97 37.25
N TYR B 466 -18.84 -22.35 36.02
CA TYR B 466 -18.43 -21.40 34.99
C TYR B 466 -19.49 -21.39 33.91
N ILE B 467 -19.72 -20.20 33.33
CA ILE B 467 -20.74 -19.98 32.34
C ILE B 467 -20.11 -19.71 30.99
N VAL B 468 -20.27 -20.65 30.07
CA VAL B 468 -19.78 -20.49 28.69
C VAL B 468 -20.94 -20.20 27.73
N PRO B 469 -21.11 -18.94 27.31
CA PRO B 469 -22.11 -18.56 26.33
C PRO B 469 -21.57 -18.71 24.90
N LEU B 470 -22.13 -19.55 24.08
CA LEU B 470 -21.72 -19.66 22.69
C LEU B 470 -22.80 -19.12 21.79
N SER B 471 -22.45 -18.50 20.66
CA SER B 471 -23.47 -18.05 19.73
C SER B 471 -22.93 -18.02 18.33
N ALA B 472 -23.81 -18.21 17.37
CA ALA B 472 -23.44 -18.13 16.00
C ALA B 472 -24.63 -17.70 15.17
N ARG B 473 -24.46 -17.68 13.88
CA ARG B 473 -25.56 -17.12 13.00
C ARG B 473 -26.76 -18.04 12.81
N ASN B 474 -26.58 -19.34 12.98
CA ASN B 474 -27.66 -20.30 12.80
C ASN B 474 -27.29 -21.57 13.58
N LYS B 475 -28.17 -22.56 13.53
CA LYS B 475 -27.98 -23.78 14.31
C LYS B 475 -26.81 -24.63 13.82
N GLN B 476 -26.63 -24.72 12.51
CA GLN B 476 -25.56 -25.46 11.97
C GLN B 476 -24.18 -24.91 12.43
N ARG B 477 -24.05 -23.60 12.40
CA ARG B 477 -22.84 -22.94 12.80
C ARG B 477 -22.62 -23.11 14.31
N LEU B 478 -23.68 -23.05 15.08
CA LEU B 478 -23.56 -23.16 16.53
C LEU B 478 -23.07 -24.57 16.91
N THR B 479 -23.65 -25.58 16.26
CA THR B 479 -23.22 -26.94 16.46
C THR B 479 -21.76 -27.07 16.09
N ALA B 480 -21.37 -26.47 14.97
CA ALA B 480 -19.94 -26.48 14.57
C ALA B 480 -19.09 -25.81 15.64
N TYR B 481 -19.61 -24.77 16.28
CA TYR B 481 -18.84 -24.06 17.33
C TYR B 481 -18.59 -24.99 18.51
N ALA B 482 -19.62 -25.66 18.93
CA ALA B 482 -19.53 -26.62 20.07
C ALA B 482 -18.50 -27.69 19.70
N SER B 483 -18.57 -28.14 18.45
CA SER B 483 -17.64 -29.18 18.00
C SER B 483 -16.18 -28.65 17.98
N CYS B 484 -15.95 -27.43 17.50
CA CYS B 484 -14.65 -26.78 17.62
C CYS B 484 -14.16 -26.69 19.06
N LEU B 485 -15.04 -26.28 19.96
CA LEU B 485 -14.67 -26.04 21.33
C LEU B 485 -14.31 -27.37 22.02
N SER B 486 -15.07 -28.40 21.72
CA SER B 486 -14.82 -29.74 22.25
C SER B 486 -13.50 -30.30 21.77
N GLY B 487 -13.23 -30.21 20.46
CA GLY B 487 -11.96 -30.62 19.90
C GLY B 487 -10.79 -29.89 20.54
N PHE B 488 -10.96 -28.59 20.79
CA PHE B 488 -9.95 -27.77 21.46
C PHE B 488 -9.67 -28.28 22.86
N LEU B 489 -10.73 -28.56 23.62
CA LEU B 489 -10.56 -29.09 24.99
C LEU B 489 -9.78 -30.42 24.97
N ASP B 490 -10.08 -31.29 24.02
CA ASP B 490 -9.38 -32.59 23.87
C ASP B 490 -7.97 -32.48 23.36
N GLU B 491 -7.75 -31.57 22.39
CA GLU B 491 -6.42 -31.43 21.75
C GLU B 491 -5.43 -30.54 22.44
N ALA B 492 -5.89 -29.63 23.31
CA ALA B 492 -5.01 -28.67 23.98
C ALA B 492 -3.92 -29.51 24.68
N GLU B 493 -2.68 -29.07 24.65
CA GLU B 493 -1.60 -29.90 25.21
C GLU B 493 -1.66 -29.86 26.70
N ASN B 494 -2.00 -28.67 27.23
CA ASN B 494 -2.11 -28.47 28.68
C ASN B 494 -3.54 -28.30 29.13
N ASP B 495 -3.72 -28.34 30.46
CA ASP B 495 -5.04 -28.12 31.02
C ASP B 495 -5.48 -26.68 30.66
N VAL B 496 -6.78 -26.47 30.57
CA VAL B 496 -7.35 -25.18 30.12
C VAL B 496 -8.13 -24.59 31.25
N SER B 497 -7.85 -23.37 31.64
CA SER B 497 -8.63 -22.73 32.68
C SER B 497 -10.07 -22.39 32.27
N LEU B 498 -11.08 -23.02 32.89
CA LEU B 498 -12.46 -22.72 32.53
C LEU B 498 -12.83 -21.33 32.98
N HIS B 499 -12.22 -20.84 34.04
CA HIS B 499 -12.43 -19.46 34.50
C HIS B 499 -12.13 -18.49 33.32
N ASP B 500 -10.96 -18.67 32.71
CA ASP B 500 -10.51 -17.79 31.64
C ASP B 500 -11.22 -18.06 30.34
N LEU B 501 -11.45 -19.31 30.03
CA LEU B 501 -12.14 -19.69 28.84
C LEU B 501 -13.57 -19.08 28.81
N ALA B 502 -14.31 -19.31 29.89
CA ALA B 502 -15.64 -18.75 30.00
C ALA B 502 -15.67 -17.21 29.85
N TYR B 503 -14.76 -16.52 30.52
CA TYR B 503 -14.65 -15.10 30.45
C TYR B 503 -14.38 -14.65 29.00
N THR B 504 -13.61 -15.43 28.26
CA THR B 504 -13.26 -15.11 26.86
C THR B 504 -14.51 -15.15 25.95
N TYR B 505 -15.32 -16.19 26.10
CA TYR B 505 -16.57 -16.32 25.37
C TYR B 505 -17.60 -15.30 25.83
N GLN B 506 -17.61 -14.97 27.11
CA GLN B 506 -18.50 -13.90 27.65
C GLN B 506 -18.21 -12.53 27.04
N THR B 507 -16.94 -12.13 27.07
CA THR B 507 -16.58 -10.78 26.81
C THR B 507 -15.82 -10.53 25.48
N GLY B 508 -15.43 -11.62 24.84
CA GLY B 508 -14.57 -11.61 23.65
C GLY B 508 -15.15 -12.14 22.39
N ARG B 509 -16.48 -12.25 22.33
CA ARG B 509 -17.14 -12.78 21.15
C ARG B 509 -18.48 -12.08 20.96
N GLU B 510 -18.78 -11.69 19.72
CA GLU B 510 -20.01 -10.96 19.42
C GLU B 510 -21.17 -11.94 19.66
N ALA B 511 -22.20 -11.42 20.32
CA ALA B 511 -23.39 -12.20 20.65
C ALA B 511 -24.31 -12.25 19.43
N MET B 512 -24.53 -13.44 18.93
CA MET B 512 -25.26 -13.66 17.71
C MET B 512 -26.62 -14.32 17.99
N GLU B 513 -27.39 -14.57 16.92
CA GLU B 513 -28.79 -14.92 17.02
C GLU B 513 -29.09 -16.31 17.54
N GLU B 514 -28.19 -17.24 17.30
CA GLU B 514 -28.38 -18.59 17.82
C GLU B 514 -27.49 -18.81 19.01
N ARG B 515 -28.11 -19.13 20.14
CA ARG B 515 -27.43 -19.09 21.40
C ARG B 515 -27.59 -20.37 22.22
N ALA B 516 -26.52 -20.69 22.93
CA ALA B 516 -26.54 -21.79 23.94
C ALA B 516 -25.64 -21.38 25.07
N VAL B 517 -25.99 -21.75 26.30
CA VAL B 517 -25.14 -21.51 27.45
C VAL B 517 -24.83 -22.84 28.16
N PHE B 518 -23.54 -23.06 28.44
CA PHE B 518 -23.09 -24.26 29.16
C PHE B 518 -22.58 -23.84 30.53
N ILE B 519 -23.23 -24.33 31.59
CA ILE B 519 -22.79 -24.06 32.94
C ILE B 519 -22.09 -25.32 33.43
N SER B 520 -20.85 -25.19 33.81
CA SER B 520 -20.06 -26.41 34.12
C SER B 520 -19.07 -26.19 35.23
N HIS B 521 -18.77 -27.28 35.97
CA HIS B 521 -17.78 -27.20 37.02
C HIS B 521 -16.37 -27.53 36.58
N ASP B 522 -16.21 -28.28 35.49
CA ASP B 522 -14.87 -28.67 35.08
C ASP B 522 -14.85 -29.02 33.62
N ARG B 523 -13.64 -29.18 33.11
CA ARG B 523 -13.46 -29.42 31.73
C ARG B 523 -14.14 -30.67 31.20
N HIS B 524 -14.11 -31.78 31.97
CA HIS B 524 -14.63 -33.07 31.46
C HIS B 524 -16.14 -32.99 31.37
N ASP B 525 -16.75 -32.34 32.33
CA ASP B 525 -18.19 -32.13 32.35
C ASP B 525 -18.59 -31.20 31.21
N LEU B 526 -17.89 -30.09 31.07
CA LEU B 526 -18.14 -29.16 29.91
C LEU B 526 -18.08 -29.92 28.62
N ASN B 527 -17.04 -30.72 28.42
CA ASN B 527 -16.93 -31.49 27.18
C ASN B 527 -18.09 -32.46 26.99
N ARG B 528 -18.55 -33.07 28.10
CA ARG B 528 -19.68 -33.99 28.03
C ARG B 528 -20.91 -33.23 27.57
N GLN B 529 -21.13 -32.05 28.12
CA GLN B 529 -22.29 -31.27 27.69
C GLN B 529 -22.18 -30.85 26.23
N LEU B 530 -20.96 -30.49 25.77
CA LEU B 530 -20.79 -30.07 24.38
C LEU B 530 -21.13 -31.28 23.50
N GLN B 531 -20.66 -32.46 23.87
CA GLN B 531 -20.91 -33.63 23.05
C GLN B 531 -22.43 -33.92 23.04
N ASP B 532 -23.09 -33.76 24.17
CA ASP B 532 -24.55 -33.94 24.23
C ASP B 532 -25.20 -32.98 23.22
N PHE B 533 -24.81 -31.71 23.28
CA PHE B 533 -25.33 -30.67 22.31
C PHE B 533 -25.08 -31.05 20.85
N ILE B 534 -23.85 -31.47 20.55
CA ILE B 534 -23.49 -31.87 19.22
C ILE B 534 -24.35 -33.00 18.74
N ASN B 535 -24.72 -33.89 19.65
CA ASN B 535 -25.50 -35.07 19.26
C ASN B 535 -26.99 -34.86 19.27
N GLY B 536 -27.47 -33.71 19.66
CA GLY B 536 -28.90 -33.48 19.66
C GLY B 536 -29.54 -33.73 21.00
N ASN B 537 -28.76 -34.13 22.00
CA ASN B 537 -29.29 -34.36 23.36
C ASN B 537 -29.24 -33.10 24.16
N ASP B 538 -30.20 -32.27 23.81
CA ASP B 538 -30.24 -30.83 24.07
C ASP B 538 -31.03 -30.39 25.27
N GLN B 539 -31.60 -31.38 25.94
CA GLN B 539 -32.78 -31.15 26.72
C GLN B 539 -32.48 -30.28 27.90
N ASN B 540 -31.32 -30.45 28.52
CA ASN B 540 -30.98 -29.64 29.68
C ASN B 540 -30.05 -28.42 29.42
N ILE B 541 -29.89 -28.03 28.15
CA ILE B 541 -29.02 -26.89 27.80
C ILE B 541 -29.89 -25.67 27.46
N LEU B 542 -29.71 -24.59 28.19
CA LEU B 542 -30.33 -23.25 27.90
C LEU B 542 -29.99 -22.84 26.49
N ARG B 543 -31.00 -22.57 25.67
CA ARG B 543 -30.85 -22.32 24.25
C ARG B 543 -31.69 -21.12 23.90
N GLY B 544 -31.30 -20.40 22.83
CA GLY B 544 -32.08 -19.25 22.30
C GLY B 544 -32.00 -19.30 20.81
N GLU B 545 -33.11 -19.06 20.13
CA GLU B 545 -33.14 -19.02 18.68
C GLU B 545 -33.65 -17.66 18.22
N LYS B 546 -33.16 -17.19 17.10
CA LYS B 546 -33.53 -15.86 16.56
C LYS B 546 -33.49 -14.79 17.60
N VAL B 547 -32.45 -14.82 18.40
CA VAL B 547 -32.35 -13.96 19.54
C VAL B 547 -32.10 -12.51 19.11
N ARG B 548 -32.82 -11.59 19.73
CA ARG B 548 -32.60 -10.17 19.49
C ARG B 548 -32.09 -9.51 20.78
N SER B 549 -31.00 -8.80 20.62
CA SER B 549 -30.32 -8.13 21.68
C SER B 549 -31.19 -6.98 22.25
N ARG B 550 -31.06 -6.77 23.53
CA ARG B 550 -31.71 -5.66 24.23
C ARG B 550 -30.91 -5.28 25.46
N GLU B 551 -31.11 -4.03 25.84
CA GLU B 551 -30.53 -3.47 27.06
C GLU B 551 -31.25 -4.08 28.25
N VAL B 552 -30.52 -4.41 29.31
CA VAL B 552 -31.11 -4.89 30.55
C VAL B 552 -31.99 -3.79 31.17
N SER B 553 -33.13 -4.20 31.70
CA SER B 553 -34.01 -3.31 32.43
C SER B 553 -33.71 -3.21 33.94
N ALA B 554 -34.28 -2.18 34.57
CA ALA B 554 -34.27 -2.09 36.05
C ALA B 554 -34.96 -3.29 36.68
N GLN B 555 -36.07 -3.72 36.07
CA GLN B 555 -36.79 -4.85 36.63
C GLN B 555 -35.93 -6.14 36.61
N GLU B 556 -35.09 -6.28 35.59
CA GLU B 556 -34.34 -7.53 35.44
C GLU B 556 -33.26 -7.57 36.49
N MET B 557 -32.62 -6.45 36.74
CA MET B 557 -31.65 -6.38 37.84
C MET B 557 -32.22 -6.87 39.22
N GLU B 558 -33.39 -6.39 39.63
CA GLU B 558 -34.21 -7.16 40.56
C GLU B 558 -34.82 -8.32 39.76
N THR B 565 -28.78 -16.96 46.32
CA THR B 565 -27.36 -17.39 46.23
C THR B 565 -26.67 -17.15 44.89
N ARG B 566 -25.34 -17.05 44.94
CA ARG B 566 -24.47 -16.99 43.76
C ARG B 566 -24.76 -18.03 42.65
N ASP B 567 -25.10 -19.27 42.99
CA ASP B 567 -25.48 -20.22 41.94
C ASP B 567 -26.78 -19.86 41.20
N GLU B 568 -27.72 -19.34 41.99
CA GLU B 568 -29.05 -18.95 41.51
C GLU B 568 -28.85 -17.76 40.54
N LYS B 569 -28.05 -16.81 40.98
CA LYS B 569 -27.76 -15.60 40.26
C LYS B 569 -27.08 -15.87 38.87
N LEU B 570 -26.09 -16.76 38.91
CA LEU B 570 -25.40 -17.20 37.71
C LEU B 570 -26.38 -17.80 36.72
N LYS B 571 -27.24 -18.71 37.20
CA LYS B 571 -28.26 -19.31 36.30
C LYS B 571 -29.16 -18.23 35.72
N ALA B 572 -29.49 -17.25 36.54
CA ALA B 572 -30.40 -16.20 36.11
C ALA B 572 -29.75 -15.29 35.05
N LEU B 573 -28.51 -14.89 35.25
CA LEU B 573 -27.78 -14.09 34.23
C LEU B 573 -27.73 -14.83 32.93
N ALA B 574 -27.42 -16.11 33.01
CA ALA B 574 -27.37 -16.94 31.81
C ALA B 574 -28.68 -16.98 31.08
N ALA B 575 -29.78 -17.15 31.81
CA ALA B 575 -31.08 -17.19 31.14
C ALA B 575 -31.44 -15.82 30.50
N LEU B 576 -31.10 -14.73 31.16
CA LEU B 576 -31.28 -13.38 30.57
C LEU B 576 -30.49 -13.26 29.26
N TRP B 577 -29.23 -13.68 29.31
CA TRP B 577 -28.40 -13.58 28.10
C TRP B 577 -28.93 -14.40 26.94
N VAL B 578 -29.42 -15.63 27.17
CA VAL B 578 -29.88 -16.45 26.08
C VAL B 578 -31.11 -15.91 25.43
N GLU B 579 -31.86 -15.07 26.12
CA GLU B 579 -33.04 -14.46 25.52
C GLU B 579 -32.66 -13.08 24.95
N GLY B 580 -31.39 -12.66 25.06
CA GLY B 580 -30.94 -11.45 24.40
C GLY B 580 -30.49 -10.27 25.22
N ALA B 581 -30.70 -10.35 26.52
CA ALA B 581 -30.31 -9.26 27.39
C ALA B 581 -28.81 -9.07 27.37
N ARG B 582 -28.38 -7.83 27.14
CA ARG B 582 -26.97 -7.50 27.18
C ARG B 582 -26.46 -7.44 28.61
N VAL B 583 -26.35 -8.58 29.25
CA VAL B 583 -25.88 -8.63 30.63
C VAL B 583 -24.48 -8.10 30.83
N ASP B 584 -24.22 -7.65 32.04
CA ASP B 584 -22.92 -7.18 32.46
C ASP B 584 -22.21 -8.39 33.04
N TRP B 585 -21.39 -9.05 32.23
CA TRP B 585 -20.69 -10.25 32.73
C TRP B 585 -19.76 -9.90 33.90
N GLY B 586 -19.38 -8.64 34.04
CA GLY B 586 -18.59 -8.17 35.24
C GLY B 586 -19.16 -8.59 36.58
N LEU B 587 -20.47 -8.74 36.63
CA LEU B 587 -21.17 -9.20 37.83
C LEU B 587 -20.72 -10.55 38.30
N LEU B 588 -20.09 -11.34 37.43
CA LEU B 588 -19.62 -12.63 37.86
C LEU B 588 -18.34 -12.54 38.68
N TYR B 589 -17.67 -11.40 38.70
CA TYR B 589 -16.29 -11.38 39.15
C TYR B 589 -16.09 -10.24 40.18
N PRO B 590 -16.79 -10.37 41.33
CA PRO B 590 -16.60 -9.34 42.39
C PRO B 590 -15.20 -9.47 42.99
N ASP B 591 -14.75 -10.70 43.19
CA ASP B 591 -13.39 -10.93 43.71
C ASP B 591 -12.69 -12.13 43.05
N SER B 592 -12.77 -12.21 41.73
CA SER B 592 -11.78 -12.95 40.94
C SER B 592 -11.44 -12.09 39.74
N ALA B 593 -10.33 -12.41 39.06
CA ALA B 593 -9.85 -11.59 37.94
C ALA B 593 -9.50 -12.48 36.75
N PRO B 594 -10.50 -12.84 35.92
CA PRO B 594 -10.21 -13.78 34.83
C PRO B 594 -9.41 -13.06 33.78
N GLN B 595 -8.78 -13.83 32.93
CA GLN B 595 -7.88 -13.30 31.91
C GLN B 595 -8.36 -13.85 30.58
N ARG B 596 -8.45 -13.00 29.57
CA ARG B 596 -8.83 -13.46 28.26
C ARG B 596 -7.70 -14.32 27.71
N ILE B 597 -8.04 -15.38 27.02
CA ILE B 597 -7.09 -16.31 26.46
C ILE B 597 -7.36 -16.56 24.96
N SER B 598 -6.42 -17.23 24.30
CA SER B 598 -6.58 -17.69 22.96
C SER B 598 -7.46 -18.94 22.90
N ALA B 599 -8.57 -18.87 22.18
CA ALA B 599 -9.54 -19.92 22.12
C ALA B 599 -10.22 -19.98 20.77
N PRO B 600 -10.97 -21.07 20.48
CA PRO B 600 -11.54 -21.27 19.16
C PRO B 600 -12.42 -20.08 18.74
N THR B 601 -12.27 -19.74 17.49
CA THR B 601 -12.88 -18.55 16.93
C THR B 601 -14.01 -18.98 16.05
N TYR B 602 -14.71 -18.02 15.43
CA TYR B 602 -15.91 -18.35 14.76
C TYR B 602 -15.80 -19.44 13.70
N PRO B 603 -16.73 -20.41 13.72
CA PRO B 603 -16.64 -21.53 12.77
C PRO B 603 -17.34 -21.23 11.46
N PHE B 604 -16.66 -20.49 10.59
CA PHE B 604 -17.24 -20.11 9.33
C PHE B 604 -17.72 -21.29 8.54
N ALA B 605 -18.83 -21.09 7.86
CA ALA B 605 -19.28 -22.03 6.83
C ALA B 605 -18.18 -22.25 5.80
N GLU B 606 -18.18 -23.46 5.21
CA GLU B 606 -17.17 -23.84 4.28
C GLU B 606 -17.80 -24.15 2.96
N GLU B 607 -18.32 -23.13 2.30
CA GLU B 607 -18.94 -23.27 0.99
C GLU B 607 -18.00 -22.87 -0.11
N ARG B 608 -18.05 -23.59 -1.22
CA ARG B 608 -17.15 -23.38 -2.32
C ARG B 608 -17.60 -22.26 -3.26
N PHE B 609 -16.72 -21.30 -3.57
CA PHE B 609 -16.98 -20.34 -4.68
C PHE B 609 -15.75 -20.25 -5.50
N TRP B 610 -15.91 -20.54 -6.80
CA TRP B 610 -14.81 -20.55 -7.73
C TRP B 610 -15.40 -20.46 -9.14
N PRO B 611 -14.77 -19.73 -10.08
CA PRO B 611 -15.32 -19.55 -11.48
C PRO B 611 -15.50 -20.86 -12.26
#